data_7BUS
#
_entry.id   7BUS
#
_cell.length_a   54.760
_cell.length_b   98.940
_cell.length_c   159.290
_cell.angle_alpha   90.000
_cell.angle_beta   90.000
_cell.angle_gamma   90.000
#
_symmetry.space_group_name_H-M   'P 21 21 21'
#
loop_
_entity.id
_entity.type
_entity.pdbx_description
1 polymer 'Chalcone synthase'
2 water water
#
_entity_poly.entity_id   1
_entity_poly.type   'polypeptide(L)'
_entity_poly.pdbx_seq_one_letter_code
;MNHKVHHHHHHIEGRHMVSVEEIRKAQRAEGPATVMAIGTATPPNCVDQSTYPDYYFRITNSEHMTELKEKFKRMCDKSM
IKKRY(SME)YLNEEILKENPSVCAYMAPSLDARQDMVVVEVPKLGKEAATKAIKEWGQPKSKITHLIFCTTSGVDMPGA
DYQLTKLLGLRPSVKRYMMYQQG(CSD)FAGGTVLRLAKDLAENNKGARVLVVCSEITAVTFRGPTDTHLDSLVGQALFG
DGAAAVIVGSDPLPVEKPLFQLVWTAQTILPDSEGAIDGHLREVGLTFHLLKDVPGLISKNIEKALVEAFQPLGISDYNS
IFWIAHPGGPAILDQVEAKLGLKPEKMEATRHVLSEYGNMSSACVLFILDQMRKKSIENGLGTTGEGLDWGVLFGFGPGL
TVETVVLRSVTL
;
_entity_poly.pdbx_strand_id   A,B
#
# COMPACT_ATOMS: atom_id res chain seq x y z
N HIS A 16 6.52 -7.02 -40.63
CA HIS A 16 5.65 -6.10 -39.84
C HIS A 16 6.35 -5.68 -38.53
N MET A 17 6.37 -4.38 -38.23
CA MET A 17 6.95 -3.80 -36.98
C MET A 17 5.87 -3.76 -35.89
N VAL A 18 6.18 -4.34 -34.72
CA VAL A 18 5.31 -4.35 -33.50
C VAL A 18 5.32 -2.93 -32.92
N SER A 19 4.19 -2.23 -33.01
CA SER A 19 4.01 -0.88 -32.44
C SER A 19 3.59 -1.00 -30.97
N VAL A 20 3.93 -0.01 -30.14
CA VAL A 20 3.48 0.07 -28.73
C VAL A 20 1.94 0.14 -28.71
N GLU A 21 1.32 0.75 -29.72
CA GLU A 21 -0.16 0.87 -29.81
C GLU A 21 -0.81 -0.50 -30.06
N GLU A 22 -0.22 -1.31 -30.95
CA GLU A 22 -0.68 -2.67 -31.31
C GLU A 22 -0.58 -3.61 -30.08
N ILE A 23 0.51 -3.49 -29.30
CA ILE A 23 0.76 -4.25 -28.05
C ILE A 23 -0.35 -3.94 -27.04
N ARG A 24 -0.67 -2.66 -26.86
CA ARG A 24 -1.73 -2.13 -25.96
C ARG A 24 -3.10 -2.70 -26.30
N LYS A 25 -3.56 -2.60 -27.55
CA LYS A 25 -4.87 -3.15 -28.01
C LYS A 25 -4.96 -4.64 -27.63
N ALA A 26 -3.82 -5.37 -27.68
CA ALA A 26 -3.72 -6.83 -27.52
C ALA A 26 -3.58 -7.22 -26.04
N GLN A 27 -3.08 -6.31 -25.19
CA GLN A 27 -2.71 -6.53 -23.77
C GLN A 27 -3.89 -6.20 -22.84
N ARG A 28 -4.95 -5.55 -23.34
CA ARG A 28 -6.09 -5.04 -22.51
C ARG A 28 -7.23 -6.06 -22.54
N ALA A 29 -7.91 -6.24 -21.42
CA ALA A 29 -9.18 -6.99 -21.32
C ALA A 29 -10.27 -6.16 -21.99
N GLU A 30 -11.45 -6.74 -22.20
CA GLU A 30 -12.54 -6.14 -23.02
C GLU A 30 -13.66 -5.60 -22.11
N GLY A 31 -14.17 -6.41 -21.19
CA GLY A 31 -15.44 -6.15 -20.48
C GLY A 31 -15.23 -5.68 -19.04
N PRO A 32 -16.32 -5.40 -18.29
CA PRO A 32 -16.23 -4.91 -16.92
C PRO A 32 -15.65 -5.91 -15.91
N ALA A 33 -14.95 -5.39 -14.90
CA ALA A 33 -14.34 -6.14 -13.78
C ALA A 33 -15.48 -6.82 -13.00
N THR A 34 -15.33 -8.11 -12.71
CA THR A 34 -16.42 -8.98 -12.20
C THR A 34 -15.91 -9.76 -10.97
N VAL A 35 -16.61 -9.65 -9.83
CA VAL A 35 -16.32 -10.51 -8.63
C VAL A 35 -16.86 -11.91 -8.91
N MET A 36 -15.99 -12.92 -8.84
CA MET A 36 -16.24 -14.33 -9.28
C MET A 36 -16.29 -15.30 -8.09
N ALA A 37 -15.88 -14.86 -6.90
CA ALA A 37 -15.89 -15.68 -5.67
C ALA A 37 -15.75 -14.77 -4.45
N ILE A 38 -16.25 -15.20 -3.29
CA ILE A 38 -15.98 -14.59 -1.94
C ILE A 38 -15.76 -15.72 -0.91
N GLY A 39 -14.66 -15.64 -0.17
CA GLY A 39 -14.37 -16.50 0.99
C GLY A 39 -14.15 -15.66 2.23
N THR A 40 -14.59 -16.13 3.39
CA THR A 40 -14.45 -15.42 4.69
C THR A 40 -13.91 -16.39 5.73
N ALA A 41 -13.35 -15.88 6.83
CA ALA A 41 -12.65 -16.69 7.85
C ALA A 41 -12.42 -15.84 9.11
N THR A 42 -12.43 -16.47 10.28
CA THR A 42 -12.20 -15.81 11.60
C THR A 42 -11.30 -16.71 12.43
N PRO A 43 -10.67 -16.19 13.51
CA PRO A 43 -10.01 -17.04 14.49
C PRO A 43 -11.01 -17.85 15.31
N PRO A 44 -10.54 -18.87 16.07
CA PRO A 44 -11.43 -19.81 16.74
C PRO A 44 -12.10 -19.26 18.00
N ASN A 45 -11.42 -18.44 18.80
CA ASN A 45 -11.97 -17.93 20.08
C ASN A 45 -13.13 -16.96 19.79
N CYS A 46 -14.38 -17.35 20.08
CA CYS A 46 -15.63 -16.54 19.98
C CYS A 46 -15.88 -15.83 21.31
N VAL A 47 -16.34 -14.58 21.28
CA VAL A 47 -16.49 -13.73 22.51
C VAL A 47 -17.86 -13.05 22.48
N ASP A 48 -18.72 -13.40 23.45
CA ASP A 48 -20.10 -12.85 23.63
C ASP A 48 -20.04 -11.40 24.08
N GLN A 49 -20.83 -10.53 23.45
CA GLN A 49 -20.89 -9.09 23.84
C GLN A 49 -21.58 -8.97 25.21
N SER A 50 -22.64 -9.77 25.45
CA SER A 50 -23.47 -9.74 26.68
C SER A 50 -22.59 -9.73 27.94
N THR A 51 -21.47 -10.46 27.95
CA THR A 51 -20.60 -10.62 29.15
C THR A 51 -19.18 -10.07 28.91
N TYR A 52 -18.96 -9.26 27.87
CA TYR A 52 -17.59 -8.77 27.55
C TYR A 52 -17.12 -7.81 28.67
N PRO A 53 -17.97 -6.88 29.16
CA PRO A 53 -17.55 -5.98 30.24
C PRO A 53 -16.91 -6.71 31.43
N ASP A 54 -17.61 -7.73 31.95
CA ASP A 54 -17.15 -8.52 33.11
C ASP A 54 -15.79 -9.13 32.76
N TYR A 55 -15.67 -9.66 31.53
CA TYR A 55 -14.46 -10.34 31.00
C TYR A 55 -13.36 -9.29 30.84
N TYR A 56 -13.61 -8.25 30.05
CA TYR A 56 -12.58 -7.23 29.69
C TYR A 56 -11.95 -6.70 31.00
N PHE A 57 -12.78 -6.21 31.92
CA PHE A 57 -12.34 -5.53 33.17
C PHE A 57 -11.68 -6.54 34.13
N ARG A 58 -12.05 -7.81 34.06
CA ARG A 58 -11.41 -8.89 34.85
C ARG A 58 -9.98 -9.10 34.36
N ILE A 59 -9.81 -9.36 33.06
CA ILE A 59 -8.51 -9.84 32.49
C ILE A 59 -7.51 -8.68 32.38
N THR A 60 -7.92 -7.43 32.65
CA THR A 60 -7.01 -6.25 32.68
C THR A 60 -6.74 -5.79 34.12
N ASN A 61 -7.08 -6.63 35.10
N ASN A 61 -7.04 -6.62 35.13
CA ASN A 61 -6.93 -6.36 36.56
CA ASN A 61 -6.91 -6.31 36.59
C ASN A 61 -7.46 -4.94 36.87
C ASN A 61 -7.48 -4.91 36.88
N SER A 62 -8.63 -4.59 36.29
CA SER A 62 -9.26 -3.25 36.35
C SER A 62 -10.55 -3.22 37.18
N GLU A 63 -10.78 -4.16 38.11
CA GLU A 63 -12.08 -4.26 38.83
C GLU A 63 -12.26 -3.01 39.73
N HIS A 64 -11.17 -2.38 40.16
CA HIS A 64 -11.20 -1.15 41.00
C HIS A 64 -12.02 -0.05 40.29
N MET A 65 -11.86 0.15 38.97
CA MET A 65 -12.50 1.28 38.23
C MET A 65 -13.99 0.99 38.00
N THR A 66 -14.85 1.15 39.01
CA THR A 66 -16.25 0.65 38.99
C THR A 66 -17.17 1.55 38.15
N GLU A 67 -17.13 2.87 38.36
N GLU A 67 -17.18 2.87 38.39
CA GLU A 67 -18.01 3.83 37.64
CA GLU A 67 -18.01 3.83 37.63
C GLU A 67 -17.71 3.76 36.14
C GLU A 67 -17.73 3.65 36.13
N LEU A 68 -16.45 3.51 35.75
CA LEU A 68 -16.01 3.32 34.34
C LEU A 68 -16.60 2.02 33.75
N LYS A 69 -16.63 0.92 34.52
CA LYS A 69 -17.23 -0.36 34.07
C LYS A 69 -18.69 -0.12 33.64
N GLU A 70 -19.45 0.67 34.39
CA GLU A 70 -20.91 0.85 34.13
C GLU A 70 -21.07 1.61 32.80
N LYS A 71 -20.14 2.52 32.49
CA LYS A 71 -20.10 3.25 31.20
C LYS A 71 -19.85 2.23 30.08
N PHE A 72 -18.93 1.29 30.32
CA PHE A 72 -18.52 0.27 29.33
C PHE A 72 -19.68 -0.70 29.09
N LYS A 73 -20.48 -0.99 30.12
CA LYS A 73 -21.75 -1.76 29.94
C LYS A 73 -22.63 -1.00 28.96
N ARG A 74 -22.89 0.29 29.19
CA ARG A 74 -23.78 1.08 28.31
C ARG A 74 -23.24 0.98 26.88
N MET A 75 -21.91 1.05 26.70
CA MET A 75 -21.24 1.04 25.37
C MET A 75 -21.52 -0.30 24.68
N CYS A 76 -21.33 -1.41 25.40
CA CYS A 76 -21.55 -2.78 24.88
C CYS A 76 -23.05 -3.04 24.66
N ASP A 77 -23.93 -2.45 25.48
CA ASP A 77 -25.41 -2.58 25.41
C ASP A 77 -25.93 -1.88 24.14
N LYS A 78 -25.42 -0.68 23.82
CA LYS A 78 -25.81 0.12 22.62
C LYS A 78 -25.09 -0.38 21.35
N SER A 79 -24.12 -1.29 21.44
CA SER A 79 -23.19 -1.66 20.33
C SER A 79 -23.88 -2.38 19.16
N MET A 80 -25.05 -3.01 19.41
CA MET A 80 -25.82 -3.85 18.44
C MET A 80 -24.91 -4.93 17.85
N ILE A 81 -23.98 -5.44 18.65
CA ILE A 81 -23.08 -6.58 18.33
C ILE A 81 -23.41 -7.74 19.27
N LYS A 82 -23.83 -8.88 18.73
CA LYS A 82 -24.09 -10.11 19.51
C LYS A 82 -22.74 -10.68 19.96
N LYS A 83 -21.75 -10.73 19.06
CA LYS A 83 -20.45 -11.39 19.37
C LYS A 83 -19.37 -11.02 18.34
N ARG A 84 -18.12 -11.36 18.67
CA ARG A 84 -16.89 -11.12 17.86
C ARG A 84 -15.89 -12.26 18.07
N TYR A 85 -15.07 -12.53 17.04
CA TYR A 85 -13.98 -13.55 17.03
C TYR A 85 -12.68 -12.82 17.23
N TYR A 87 -8.23 -13.51 17.78
CA TYR A 87 -7.02 -14.29 17.94
C TYR A 87 -6.54 -14.25 19.39
N LEU A 88 -6.64 -13.10 20.08
CA LEU A 88 -6.28 -13.01 21.52
C LEU A 88 -7.28 -13.82 22.36
N ASN A 89 -6.75 -14.61 23.31
CA ASN A 89 -7.52 -15.24 24.42
C ASN A 89 -6.76 -15.04 25.73
N GLU A 90 -7.38 -15.41 26.85
CA GLU A 90 -6.85 -15.20 28.23
C GLU A 90 -5.48 -15.88 28.35
N GLU A 91 -5.30 -17.02 27.69
CA GLU A 91 -4.01 -17.78 27.70
C GLU A 91 -2.93 -16.84 27.17
N ILE A 92 -3.10 -16.37 25.93
CA ILE A 92 -2.11 -15.51 25.21
C ILE A 92 -1.87 -14.22 26.00
N LEU A 93 -2.88 -13.72 26.73
CA LEU A 93 -2.78 -12.44 27.50
C LEU A 93 -1.91 -12.65 28.73
N LYS A 94 -2.05 -13.76 29.48
CA LYS A 94 -1.17 -14.08 30.64
C LYS A 94 0.29 -14.18 30.19
N GLU A 95 0.51 -14.65 28.96
CA GLU A 95 1.86 -14.92 28.39
C GLU A 95 2.48 -13.58 27.91
N ASN A 96 1.78 -12.46 28.10
CA ASN A 96 2.02 -11.15 27.43
C ASN A 96 1.30 -10.03 28.18
N PRO A 97 1.48 -9.87 29.52
CA PRO A 97 0.66 -8.93 30.28
C PRO A 97 0.84 -7.45 29.87
N SER A 98 1.92 -7.15 29.15
CA SER A 98 2.23 -5.77 28.68
C SER A 98 1.10 -5.31 27.76
N VAL A 99 0.44 -6.24 27.07
CA VAL A 99 -0.69 -5.96 26.13
C VAL A 99 -1.96 -5.59 26.93
N CYS A 100 -2.04 -5.97 28.21
CA CYS A 100 -3.20 -5.70 29.12
C CYS A 100 -3.07 -4.34 29.81
N ALA A 101 -1.86 -3.80 29.92
CA ALA A 101 -1.67 -2.39 30.35
C ALA A 101 -2.45 -1.52 29.36
N TYR A 102 -2.89 -0.34 29.79
CA TYR A 102 -3.42 0.71 28.89
C TYR A 102 -2.27 1.23 28.00
N MET A 103 -1.10 1.53 28.56
CA MET A 103 0.03 2.16 27.82
C MET A 103 1.39 1.70 28.35
N ALA A 104 1.69 0.41 28.18
CA ALA A 104 3.03 -0.19 28.42
C ALA A 104 3.69 -0.52 27.07
N PRO A 105 5.02 -0.33 26.96
CA PRO A 105 5.76 -0.73 25.77
C PRO A 105 5.47 -2.19 25.40
N SER A 106 4.99 -2.45 24.18
CA SER A 106 4.34 -3.74 23.83
C SER A 106 4.24 -3.97 22.30
N LEU A 107 4.83 -3.11 21.49
CA LEU A 107 4.78 -3.23 20.01
C LEU A 107 5.36 -4.57 19.58
N ASP A 108 6.54 -4.95 20.09
CA ASP A 108 7.29 -6.18 19.71
C ASP A 108 6.45 -7.44 20.02
N ALA A 109 5.87 -7.53 21.22
CA ALA A 109 4.96 -8.62 21.60
C ALA A 109 3.78 -8.68 20.61
N ARG A 110 3.16 -7.53 20.34
CA ARG A 110 2.05 -7.37 19.34
C ARG A 110 2.52 -7.71 17.92
N GLN A 111 3.71 -7.26 17.48
CA GLN A 111 4.24 -7.52 16.12
C GLN A 111 4.50 -9.03 15.96
N ASP A 112 5.01 -9.69 17.00
CA ASP A 112 5.34 -11.15 17.02
C ASP A 112 4.06 -11.97 16.85
N MET A 113 2.95 -11.52 17.42
CA MET A 113 1.60 -12.05 17.11
C MET A 113 1.26 -11.82 15.63
N VAL A 114 1.05 -10.58 15.20
CA VAL A 114 0.26 -10.29 13.97
C VAL A 114 1.08 -10.58 12.71
N VAL A 115 2.40 -10.49 12.72
CA VAL A 115 3.20 -10.71 11.48
C VAL A 115 3.01 -12.15 10.96
N VAL A 116 2.85 -13.11 11.88
CA VAL A 116 2.63 -14.56 11.59
C VAL A 116 1.16 -14.77 11.24
N GLU A 117 0.28 -14.13 12.01
CA GLU A 117 -1.16 -14.50 12.15
C GLU A 117 -1.99 -13.86 11.05
N VAL A 118 -1.67 -12.64 10.63
CA VAL A 118 -2.43 -11.92 9.56
C VAL A 118 -2.39 -12.73 8.27
N PRO A 119 -1.22 -13.24 7.81
CA PRO A 119 -1.19 -14.08 6.61
C PRO A 119 -1.77 -15.49 6.81
N LYS A 120 -1.75 -16.04 8.02
CA LYS A 120 -2.43 -17.34 8.30
C LYS A 120 -3.95 -17.17 8.11
N LEU A 121 -4.56 -16.22 8.82
CA LEU A 121 -6.02 -15.97 8.70
C LEU A 121 -6.31 -15.63 7.23
N GLY A 122 -5.41 -14.91 6.57
CA GLY A 122 -5.57 -14.52 5.16
C GLY A 122 -5.70 -15.74 4.27
N LYS A 123 -4.82 -16.73 4.49
CA LYS A 123 -4.71 -17.96 3.66
C LYS A 123 -6.04 -18.75 3.70
N GLU A 124 -6.64 -18.87 4.89
CA GLU A 124 -7.93 -19.58 5.10
C GLU A 124 -8.97 -18.99 4.15
N ALA A 125 -9.18 -17.67 4.19
CA ALA A 125 -10.17 -16.95 3.36
C ALA A 125 -9.87 -17.18 1.88
N ALA A 126 -8.60 -17.05 1.50
CA ALA A 126 -8.11 -17.21 0.09
C ALA A 126 -8.48 -18.60 -0.44
N THR A 127 -8.19 -19.65 0.33
CA THR A 127 -8.53 -21.07 0.03
C THR A 127 -10.02 -21.23 -0.32
N LYS A 128 -10.95 -20.67 0.48
CA LYS A 128 -12.41 -20.73 0.24
C LYS A 128 -12.78 -19.95 -1.04
N ALA A 129 -12.18 -18.79 -1.28
CA ALA A 129 -12.48 -17.98 -2.48
C ALA A 129 -12.03 -18.75 -3.72
N ILE A 130 -10.80 -19.27 -3.68
CA ILE A 130 -10.19 -20.05 -4.79
C ILE A 130 -11.06 -21.28 -5.10
N LYS A 131 -11.47 -22.01 -4.05
CA LYS A 131 -12.35 -23.21 -4.19
C LYS A 131 -13.65 -22.81 -4.90
N GLU A 132 -14.27 -21.71 -4.49
CA GLU A 132 -15.53 -21.22 -5.10
C GLU A 132 -15.28 -20.90 -6.57
N TRP A 133 -14.17 -20.21 -6.89
CA TRP A 133 -13.76 -19.80 -8.26
C TRP A 133 -13.58 -21.05 -9.11
N GLY A 134 -12.93 -22.07 -8.52
CA GLY A 134 -12.75 -23.41 -9.05
C GLY A 134 -11.87 -23.43 -10.29
N GLN A 135 -10.84 -22.58 -10.34
CA GLN A 135 -9.84 -22.62 -11.42
C GLN A 135 -8.48 -22.93 -10.78
N PRO A 136 -7.49 -23.32 -11.60
CA PRO A 136 -6.14 -23.54 -11.11
C PRO A 136 -5.64 -22.24 -10.45
N LYS A 137 -5.05 -22.34 -9.26
CA LYS A 137 -4.46 -21.19 -8.55
C LYS A 137 -3.33 -20.61 -9.43
N SER A 138 -2.68 -21.45 -10.23
CA SER A 138 -1.69 -21.06 -11.27
C SER A 138 -2.23 -19.98 -12.24
N LYS A 139 -3.57 -19.81 -12.38
CA LYS A 139 -4.18 -18.82 -13.32
C LYS A 139 -4.36 -17.43 -12.67
N ILE A 140 -3.96 -17.29 -11.39
CA ILE A 140 -3.89 -15.99 -10.67
C ILE A 140 -2.65 -15.22 -11.13
N THR A 141 -2.86 -13.98 -11.58
CA THR A 141 -1.86 -13.07 -12.22
C THR A 141 -1.46 -11.97 -11.24
N HIS A 142 -2.36 -11.63 -10.30
CA HIS A 142 -2.28 -10.45 -9.41
C HIS A 142 -2.84 -10.80 -8.02
N LEU A 143 -2.16 -10.33 -6.97
CA LEU A 143 -2.54 -10.49 -5.54
C LEU A 143 -2.59 -9.11 -4.88
N ILE A 144 -3.74 -8.71 -4.33
CA ILE A 144 -3.81 -7.53 -3.41
C ILE A 144 -3.96 -8.10 -2.01
N PHE A 145 -3.12 -7.65 -1.07
CA PHE A 145 -3.19 -8.03 0.36
C PHE A 145 -3.32 -6.75 1.20
N CYS A 146 -4.37 -6.65 2.01
CA CYS A 146 -4.70 -5.44 2.81
C CYS A 146 -4.83 -5.81 4.29
N THR A 147 -4.14 -5.09 5.17
CA THR A 147 -4.24 -5.26 6.64
C THR A 147 -3.91 -3.95 7.35
N THR A 148 -4.47 -3.75 8.55
CA THR A 148 -4.21 -2.61 9.47
C THR A 148 -3.58 -3.17 10.75
N SER A 149 -2.99 -4.39 10.68
CA SER A 149 -2.43 -5.12 11.85
C SER A 149 -0.96 -5.47 11.60
N GLY A 150 -0.07 -4.53 11.91
CA GLY A 150 1.39 -4.73 11.84
C GLY A 150 1.96 -4.51 10.44
N VAL A 151 3.28 -4.59 10.33
CA VAL A 151 4.06 -4.36 9.08
C VAL A 151 5.35 -5.17 9.18
N ASP A 152 5.89 -5.57 8.04
CA ASP A 152 7.13 -6.39 7.97
C ASP A 152 7.61 -6.38 6.53
N MET A 153 8.84 -6.85 6.31
CA MET A 153 9.54 -6.90 5.01
C MET A 153 10.34 -8.19 4.94
N PRO A 154 10.07 -9.11 3.98
CA PRO A 154 8.96 -8.96 3.05
C PRO A 154 7.62 -8.85 3.78
N GLY A 155 6.56 -8.54 3.04
CA GLY A 155 5.23 -8.23 3.59
C GLY A 155 4.37 -9.47 3.76
N ALA A 156 3.15 -9.29 4.24
CA ALA A 156 2.10 -10.33 4.32
C ALA A 156 1.78 -10.88 2.91
N ASP A 157 1.93 -10.06 1.86
CA ASP A 157 1.61 -10.47 0.47
C ASP A 157 2.53 -11.62 0.05
N TYR A 158 3.79 -11.56 0.48
CA TYR A 158 4.86 -12.56 0.17
C TYR A 158 4.55 -13.82 0.98
N GLN A 159 4.36 -13.66 2.30
CA GLN A 159 4.04 -14.79 3.21
C GLN A 159 2.90 -15.60 2.57
N LEU A 160 1.86 -14.92 2.09
CA LEU A 160 0.65 -15.55 1.50
C LEU A 160 0.97 -16.21 0.15
N THR A 161 1.86 -15.63 -0.64
CA THR A 161 2.32 -16.19 -1.95
C THR A 161 2.94 -17.57 -1.68
N LYS A 162 3.74 -17.65 -0.61
CA LYS A 162 4.49 -18.86 -0.13
C LYS A 162 3.47 -19.87 0.39
N LEU A 163 2.55 -19.42 1.26
CA LEU A 163 1.51 -20.25 1.93
C LEU A 163 0.60 -20.90 0.88
N LEU A 164 0.11 -20.16 -0.12
CA LEU A 164 -0.80 -20.70 -1.15
C LEU A 164 0.01 -21.36 -2.26
N GLY A 165 1.32 -21.11 -2.31
CA GLY A 165 2.19 -21.47 -3.46
C GLY A 165 1.64 -20.93 -4.76
N LEU A 166 1.38 -19.62 -4.83
CA LEU A 166 1.03 -18.95 -6.12
C LEU A 166 2.29 -18.94 -7.00
N ARG A 167 2.13 -18.74 -8.31
CA ARG A 167 3.29 -18.59 -9.24
C ARG A 167 4.17 -17.50 -8.63
N PRO A 168 5.52 -17.72 -8.52
CA PRO A 168 6.40 -16.70 -7.94
C PRO A 168 6.35 -15.34 -8.65
N SER A 169 5.93 -15.31 -9.92
CA SER A 169 5.80 -14.09 -10.74
C SER A 169 4.35 -13.57 -10.74
N VAL A 170 3.62 -13.76 -9.64
CA VAL A 170 2.34 -13.05 -9.35
C VAL A 170 2.67 -11.58 -9.06
N LYS A 171 1.85 -10.66 -9.56
CA LYS A 171 2.04 -9.20 -9.38
C LYS A 171 1.34 -8.78 -8.08
N ARG A 172 2.11 -8.33 -7.08
CA ARG A 172 1.63 -8.08 -5.69
C ARG A 172 1.44 -6.60 -5.38
N TYR A 173 0.42 -6.30 -4.59
CA TYR A 173 0.10 -4.95 -4.07
C TYR A 173 -0.21 -5.10 -2.58
N MET A 174 0.79 -4.83 -1.74
CA MET A 174 0.72 -4.82 -0.25
C MET A 174 0.21 -3.44 0.20
N MET A 175 -0.97 -3.39 0.80
N MET A 175 -1.00 -3.43 0.76
CA MET A 175 -1.58 -2.12 1.28
CA MET A 175 -1.71 -2.25 1.34
C MET A 175 -1.70 -2.17 2.81
C MET A 175 -1.63 -2.36 2.87
N TYR A 176 -0.65 -1.71 3.50
CA TYR A 176 -0.49 -1.70 4.97
C TYR A 176 -1.18 -0.46 5.59
N GLN A 177 -1.70 -0.63 6.80
CA GLN A 177 -2.06 0.47 7.74
C GLN A 177 -3.03 1.47 7.13
N GLN A 178 -4.11 1.05 6.44
CA GLN A 178 -5.05 1.97 5.74
C GLN A 178 -6.26 2.28 6.63
N GLY A 179 -6.84 1.24 7.25
CA GLY A 179 -8.00 1.35 8.15
C GLY A 179 -9.32 0.99 7.47
N PHE A 181 -11.72 2.07 5.64
CA PHE A 181 -12.29 2.34 4.34
C PHE A 181 -11.67 1.43 3.26
N ALA A 182 -10.60 0.72 3.60
CA ALA A 182 -9.74 0.01 2.63
C ALA A 182 -10.50 -1.12 1.90
N GLY A 183 -11.60 -1.62 2.46
CA GLY A 183 -12.48 -2.58 1.77
C GLY A 183 -12.96 -2.04 0.44
N GLY A 184 -13.30 -0.75 0.37
CA GLY A 184 -13.57 -0.04 -0.89
C GLY A 184 -12.30 0.12 -1.71
N THR A 185 -11.19 0.45 -1.05
CA THR A 185 -9.88 0.74 -1.71
C THR A 185 -9.40 -0.47 -2.52
N VAL A 186 -9.54 -1.68 -1.98
CA VAL A 186 -9.09 -2.94 -2.64
C VAL A 186 -9.97 -3.21 -3.88
N LEU A 187 -11.24 -2.85 -3.85
CA LEU A 187 -12.14 -3.07 -5.02
C LEU A 187 -11.84 -2.03 -6.11
N ARG A 188 -11.55 -0.78 -5.73
CA ARG A 188 -11.17 0.30 -6.66
C ARG A 188 -9.87 -0.07 -7.39
N LEU A 189 -8.94 -0.75 -6.72
CA LEU A 189 -7.65 -1.17 -7.31
C LEU A 189 -7.86 -2.37 -8.23
N ALA A 190 -8.51 -3.42 -7.72
CA ALA A 190 -8.74 -4.70 -8.41
C ALA A 190 -9.45 -4.40 -9.74
N LYS A 191 -10.43 -3.50 -9.70
CA LYS A 191 -11.24 -3.12 -10.88
C LYS A 191 -10.30 -2.81 -12.07
N ASP A 192 -9.29 -1.97 -11.84
CA ASP A 192 -8.38 -1.47 -12.92
C ASP A 192 -7.47 -2.62 -13.37
N LEU A 193 -6.98 -3.45 -12.44
CA LEU A 193 -5.99 -4.51 -12.75
C LEU A 193 -6.64 -5.50 -13.72
N ALA A 194 -7.87 -5.90 -13.41
CA ALA A 194 -8.67 -6.82 -14.24
C ALA A 194 -8.99 -6.19 -15.60
N GLU A 195 -9.45 -4.94 -15.65
CA GLU A 195 -10.05 -4.36 -16.88
C GLU A 195 -8.98 -4.00 -17.92
N ASN A 196 -7.71 -3.88 -17.52
CA ASN A 196 -6.60 -3.37 -18.38
C ASN A 196 -5.61 -4.51 -18.73
N ASN A 197 -5.95 -5.75 -18.39
CA ASN A 197 -5.04 -6.92 -18.51
C ASN A 197 -5.83 -8.17 -18.92
N LYS A 198 -5.72 -8.58 -20.18
CA LYS A 198 -6.35 -9.80 -20.75
C LYS A 198 -5.85 -11.01 -19.96
N GLY A 199 -6.81 -11.77 -19.41
CA GLY A 199 -6.55 -13.02 -18.67
C GLY A 199 -6.09 -12.76 -17.25
N ALA A 200 -6.20 -11.52 -16.77
CA ALA A 200 -5.84 -11.13 -15.38
C ALA A 200 -6.92 -11.68 -14.44
N ARG A 201 -6.47 -12.37 -13.40
CA ARG A 201 -7.35 -12.92 -12.34
C ARG A 201 -6.76 -12.45 -11.03
N VAL A 202 -7.43 -11.51 -10.36
CA VAL A 202 -6.91 -10.79 -9.16
C VAL A 202 -7.49 -11.46 -7.93
N LEU A 203 -6.63 -11.96 -7.04
CA LEU A 203 -6.97 -12.41 -5.67
C LEU A 203 -6.80 -11.22 -4.71
N VAL A 204 -7.84 -10.89 -3.97
CA VAL A 204 -7.90 -9.72 -3.05
C VAL A 204 -8.09 -10.28 -1.64
N VAL A 205 -7.22 -9.94 -0.70
CA VAL A 205 -7.32 -10.42 0.71
C VAL A 205 -7.24 -9.23 1.67
N CYS A 206 -8.28 -9.02 2.47
CA CYS A 206 -8.22 -8.17 3.67
C CYS A 206 -8.26 -9.05 4.91
N SER A 207 -7.23 -8.95 5.77
CA SER A 207 -7.07 -9.72 7.03
C SER A 207 -6.76 -8.76 8.19
N GLU A 208 -7.59 -8.78 9.25
CA GLU A 208 -7.53 -7.85 10.41
C GLU A 208 -7.50 -8.63 11.73
N ILE A 209 -6.62 -8.22 12.62
CA ILE A 209 -6.34 -8.81 13.97
C ILE A 209 -6.20 -7.66 14.98
N THR A 210 -7.11 -7.54 15.95
CA THR A 210 -7.13 -6.45 16.97
C THR A 210 -6.07 -6.65 18.05
N ALA A 211 -5.14 -7.60 17.90
CA ALA A 211 -3.99 -7.80 18.83
C ALA A 211 -3.12 -6.54 18.86
N VAL A 212 -3.07 -5.81 17.75
CA VAL A 212 -2.25 -4.57 17.57
C VAL A 212 -2.87 -3.40 18.36
N THR A 213 -4.17 -3.49 18.68
CA THR A 213 -5.08 -2.39 19.11
C THR A 213 -5.54 -2.59 20.57
N PHE A 214 -5.54 -3.82 21.08
CA PHE A 214 -6.12 -4.20 22.40
C PHE A 214 -5.31 -3.57 23.54
N ARG A 215 -5.99 -2.99 24.52
CA ARG A 215 -5.35 -2.46 25.74
C ARG A 215 -6.38 -2.37 26.86
N GLY A 216 -5.93 -2.25 28.12
CA GLY A 216 -6.80 -1.98 29.28
C GLY A 216 -7.40 -0.57 29.23
N PRO A 217 -8.39 -0.25 30.09
CA PRO A 217 -9.08 1.03 30.05
C PRO A 217 -8.52 2.14 30.98
N THR A 218 -8.95 3.39 30.74
CA THR A 218 -8.85 4.56 31.66
C THR A 218 -10.03 5.53 31.47
N ASP A 219 -10.33 6.30 32.53
CA ASP A 219 -11.32 7.42 32.54
C ASP A 219 -10.96 8.42 31.44
N THR A 220 -9.67 8.74 31.30
CA THR A 220 -9.07 9.91 30.57
C THR A 220 -9.45 9.89 29.07
N HIS A 221 -8.86 8.99 28.27
CA HIS A 221 -9.27 8.76 26.86
C HIS A 221 -10.48 7.80 26.83
N LEU A 222 -11.69 8.36 26.89
CA LEU A 222 -12.98 7.63 26.67
C LEU A 222 -13.02 7.09 25.24
N ASP A 223 -12.62 7.90 24.26
CA ASP A 223 -12.66 7.58 22.80
C ASP A 223 -12.10 6.18 22.56
N SER A 224 -10.97 5.82 23.20
CA SER A 224 -10.19 4.56 23.00
C SER A 224 -10.94 3.32 23.56
N LEU A 225 -11.95 3.53 24.41
CA LEU A 225 -12.77 2.46 25.06
C LEU A 225 -13.88 1.99 24.12
N VAL A 226 -14.43 2.90 23.32
CA VAL A 226 -15.39 2.61 22.21
C VAL A 226 -14.80 1.54 21.27
N GLY A 227 -13.50 1.62 20.97
CA GLY A 227 -12.80 0.66 20.11
C GLY A 227 -12.77 -0.74 20.70
N GLN A 228 -12.60 -0.83 22.03
CA GLN A 228 -12.49 -2.12 22.76
C GLN A 228 -13.84 -2.84 22.72
N ALA A 229 -14.91 -2.12 22.35
CA ALA A 229 -16.32 -2.58 22.28
C ALA A 229 -16.78 -2.86 20.85
N LEU A 230 -16.12 -2.33 19.81
CA LEU A 230 -16.62 -2.48 18.41
C LEU A 230 -15.71 -3.37 17.55
N PHE A 231 -14.39 -3.31 17.71
CA PHE A 231 -13.41 -3.92 16.79
C PHE A 231 -13.36 -5.44 16.97
N GLY A 232 -13.27 -6.17 15.85
CA GLY A 232 -13.15 -7.65 15.85
C GLY A 232 -12.28 -8.16 14.72
N ASP A 233 -11.85 -9.42 14.80
CA ASP A 233 -10.90 -10.04 13.83
C ASP A 233 -11.69 -10.76 12.73
N GLY A 234 -11.11 -10.84 11.54
CA GLY A 234 -11.74 -11.44 10.36
C GLY A 234 -10.86 -11.27 9.14
N ALA A 235 -11.03 -12.17 8.17
CA ALA A 235 -10.39 -12.11 6.85
C ALA A 235 -11.49 -12.36 5.81
N ALA A 236 -11.43 -11.66 4.67
CA ALA A 236 -12.23 -11.95 3.46
C ALA A 236 -11.29 -11.91 2.25
N ALA A 237 -11.59 -12.72 1.22
CA ALA A 237 -10.88 -12.78 -0.09
C ALA A 237 -11.92 -12.73 -1.21
N VAL A 238 -11.60 -12.10 -2.33
CA VAL A 238 -12.45 -12.16 -3.56
C VAL A 238 -11.57 -12.46 -4.77
N ILE A 239 -12.16 -12.93 -5.85
CA ILE A 239 -11.49 -13.10 -7.17
C ILE A 239 -12.18 -12.13 -8.12
N VAL A 240 -11.40 -11.26 -8.76
CA VAL A 240 -11.88 -10.22 -9.72
C VAL A 240 -11.17 -10.48 -11.06
N GLY A 241 -11.94 -10.36 -12.14
CA GLY A 241 -11.45 -10.52 -13.52
C GLY A 241 -12.47 -9.99 -14.51
N SER A 242 -12.05 -9.68 -15.72
CA SER A 242 -12.94 -9.30 -16.83
C SER A 242 -13.05 -10.50 -17.79
N ASP A 243 -14.07 -10.48 -18.65
CA ASP A 243 -14.29 -11.53 -19.68
C ASP A 243 -14.33 -12.87 -19.00
N PRO A 244 -15.45 -13.18 -18.29
CA PRO A 244 -15.63 -14.48 -17.64
C PRO A 244 -15.65 -15.62 -18.66
N LEU A 245 -15.00 -16.73 -18.33
CA LEU A 245 -15.22 -18.01 -19.06
C LEU A 245 -16.62 -18.50 -18.72
N PRO A 246 -17.22 -19.33 -19.60
CA PRO A 246 -18.53 -19.93 -19.30
C PRO A 246 -18.55 -20.67 -17.97
N VAL A 247 -17.43 -21.29 -17.55
CA VAL A 247 -17.30 -22.12 -16.31
C VAL A 247 -16.89 -21.29 -15.08
N GLU A 248 -16.75 -19.98 -15.20
CA GLU A 248 -16.62 -19.06 -14.02
C GLU A 248 -18.02 -18.53 -13.75
N LYS A 249 -18.35 -18.33 -12.46
CA LYS A 249 -19.69 -17.89 -12.02
C LYS A 249 -19.57 -16.47 -11.46
N PRO A 250 -19.91 -15.44 -12.28
CA PRO A 250 -20.06 -14.07 -11.81
C PRO A 250 -21.07 -13.84 -10.68
N LEU A 251 -20.72 -12.99 -9.71
CA LEU A 251 -21.56 -12.57 -8.56
C LEU A 251 -22.04 -11.13 -8.74
N PHE A 252 -21.10 -10.19 -8.95
CA PHE A 252 -21.35 -8.73 -9.13
C PHE A 252 -20.32 -8.12 -10.09
N GLN A 253 -20.71 -7.04 -10.78
CA GLN A 253 -19.80 -6.20 -11.59
C GLN A 253 -19.42 -4.94 -10.78
N LEU A 254 -18.14 -4.56 -10.84
CA LEU A 254 -17.60 -3.24 -10.37
C LEU A 254 -17.71 -2.26 -11.55
N VAL A 255 -18.46 -1.18 -11.37
CA VAL A 255 -18.95 -0.31 -12.47
C VAL A 255 -18.24 1.06 -12.45
N TRP A 256 -18.08 1.67 -11.26
CA TRP A 256 -17.65 3.07 -11.03
C TRP A 256 -17.12 3.21 -9.59
N THR A 257 -16.06 4.00 -9.36
CA THR A 257 -15.42 4.11 -8.02
C THR A 257 -15.03 5.56 -7.74
N ALA A 258 -15.01 5.93 -6.47
CA ALA A 258 -14.64 7.28 -5.98
C ALA A 258 -14.06 7.14 -4.57
N GLN A 259 -13.01 7.93 -4.27
CA GLN A 259 -12.50 8.18 -2.89
C GLN A 259 -12.56 9.70 -2.68
N THR A 260 -13.07 10.17 -1.53
CA THR A 260 -13.16 11.63 -1.20
C THR A 260 -12.87 11.84 0.28
N ILE A 261 -12.36 13.03 0.64
CA ILE A 261 -12.11 13.50 2.03
C ILE A 261 -13.23 14.47 2.40
N LEU A 262 -13.95 14.18 3.47
CA LEU A 262 -15.13 14.99 3.87
C LEU A 262 -14.65 16.34 4.39
N PRO A 263 -15.35 17.45 4.05
CA PRO A 263 -15.01 18.76 4.62
C PRO A 263 -15.31 18.83 6.12
N ASP A 264 -14.58 19.70 6.82
CA ASP A 264 -14.76 20.03 8.26
C ASP A 264 -14.42 18.78 9.08
N SER A 265 -13.57 17.89 8.55
CA SER A 265 -13.35 16.51 9.07
C SER A 265 -11.93 16.26 9.58
N GLU A 266 -11.08 17.28 9.73
CA GLU A 266 -9.64 17.14 10.12
C GLU A 266 -9.54 16.48 11.50
N GLY A 267 -8.77 15.40 11.64
CA GLY A 267 -8.47 14.74 12.92
C GLY A 267 -9.67 14.00 13.51
N ALA A 268 -10.67 13.65 12.70
CA ALA A 268 -11.92 12.98 13.14
C ALA A 268 -11.62 11.55 13.60
N ILE A 269 -10.84 10.78 12.83
CA ILE A 269 -10.37 9.39 13.17
C ILE A 269 -8.84 9.34 12.97
N ASP A 270 -8.08 9.12 14.05
CA ASP A 270 -6.60 9.13 14.03
C ASP A 270 -6.08 7.76 14.46
N GLY A 271 -4.95 7.34 13.90
CA GLY A 271 -4.28 6.08 14.24
C GLY A 271 -2.78 6.22 14.23
N HIS A 272 -2.14 6.13 15.39
CA HIS A 272 -0.67 6.27 15.50
C HIS A 272 -0.07 4.93 15.91
N LEU A 273 0.85 4.36 15.11
CA LEU A 273 1.56 3.10 15.48
C LEU A 273 2.77 3.44 16.36
N ARG A 274 2.66 3.21 17.66
CA ARG A 274 3.65 3.69 18.68
C ARG A 274 4.35 2.50 19.34
N GLU A 275 5.23 2.78 20.30
CA GLU A 275 5.90 1.78 21.17
C GLU A 275 4.83 1.01 21.98
N VAL A 276 3.65 1.60 22.17
CA VAL A 276 2.56 0.99 22.97
C VAL A 276 1.61 0.19 22.06
N GLY A 277 1.91 0.07 20.76
CA GLY A 277 1.03 -0.50 19.73
C GLY A 277 0.15 0.56 19.10
N LEU A 278 -0.90 0.15 18.37
CA LEU A 278 -1.74 1.07 17.56
C LEU A 278 -2.77 1.77 18.45
N THR A 279 -2.76 3.09 18.49
CA THR A 279 -3.72 3.93 19.27
C THR A 279 -4.75 4.53 18.31
N PHE A 280 -6.00 4.68 18.77
CA PHE A 280 -7.14 5.28 18.04
C PHE A 280 -7.66 6.49 18.83
N HIS A 281 -7.93 7.58 18.12
CA HIS A 281 -8.45 8.87 18.68
C HIS A 281 -9.61 9.37 17.80
N LEU A 282 -10.79 9.53 18.41
CA LEU A 282 -11.94 10.26 17.81
C LEU A 282 -11.97 11.69 18.39
N LEU A 283 -12.04 12.68 17.50
CA LEU A 283 -12.58 14.05 17.76
C LEU A 283 -13.72 14.21 16.76
N LYS A 284 -14.61 15.19 16.95
CA LYS A 284 -15.75 15.42 16.03
C LYS A 284 -16.73 14.24 15.99
N ASP A 285 -17.93 14.53 15.51
CA ASP A 285 -19.10 13.61 15.42
C ASP A 285 -19.00 12.86 14.08
N VAL A 286 -18.31 11.72 14.07
CA VAL A 286 -18.13 10.84 12.87
C VAL A 286 -19.52 10.59 12.24
N PRO A 287 -20.50 10.05 12.97
CA PRO A 287 -21.83 9.80 12.40
C PRO A 287 -22.44 11.04 11.73
N GLY A 288 -22.45 12.17 12.45
CA GLY A 288 -22.82 13.49 11.92
C GLY A 288 -22.13 13.76 10.60
N LEU A 289 -20.80 13.72 10.59
CA LEU A 289 -19.96 14.00 9.40
C LEU A 289 -20.39 13.12 8.22
N ILE A 290 -20.50 11.81 8.43
CA ILE A 290 -20.82 10.85 7.33
C ILE A 290 -22.21 11.17 6.81
N SER A 291 -23.20 11.35 7.68
CA SER A 291 -24.62 11.48 7.31
C SER A 291 -24.85 12.83 6.62
N LYS A 292 -24.18 13.87 7.08
CA LYS A 292 -24.29 15.24 6.51
C LYS A 292 -23.76 15.23 5.06
N ASN A 293 -22.86 14.31 4.70
CA ASN A 293 -22.10 14.33 3.42
C ASN A 293 -22.44 13.14 2.49
N ILE A 294 -23.33 12.24 2.91
CA ILE A 294 -23.56 10.91 2.25
C ILE A 294 -24.38 11.06 0.95
N GLU A 295 -25.32 12.01 0.89
N GLU A 295 -25.31 12.01 0.87
CA GLU A 295 -26.15 12.22 -0.32
CA GLU A 295 -26.17 12.24 -0.31
C GLU A 295 -25.27 12.71 -1.48
C GLU A 295 -25.31 12.75 -1.48
N LYS A 296 -24.32 13.59 -1.19
CA LYS A 296 -23.35 14.11 -2.20
C LYS A 296 -22.70 12.95 -2.94
N ALA A 297 -22.16 11.97 -2.20
CA ALA A 297 -21.43 10.78 -2.73
C ALA A 297 -22.41 9.98 -3.59
N LEU A 298 -23.66 9.84 -3.13
CA LEU A 298 -24.72 9.09 -3.84
C LEU A 298 -25.05 9.80 -5.15
N VAL A 299 -25.15 11.13 -5.11
CA VAL A 299 -25.50 11.93 -6.32
C VAL A 299 -24.39 11.76 -7.36
N GLU A 300 -23.11 11.87 -6.96
CA GLU A 300 -21.96 11.79 -7.89
C GLU A 300 -21.88 10.37 -8.52
N ALA A 301 -22.26 9.34 -7.77
CA ALA A 301 -22.29 7.93 -8.24
C ALA A 301 -23.47 7.68 -9.18
N PHE A 302 -24.68 8.14 -8.85
CA PHE A 302 -25.95 7.60 -9.41
C PHE A 302 -26.65 8.58 -10.35
N GLN A 303 -26.53 9.89 -10.13
CA GLN A 303 -27.12 10.89 -11.07
C GLN A 303 -26.72 10.51 -12.49
N PRO A 304 -25.42 10.28 -12.80
CA PRO A 304 -25.00 9.95 -14.17
C PRO A 304 -25.75 8.75 -14.77
N LEU A 305 -26.22 7.81 -13.94
CA LEU A 305 -26.96 6.57 -14.37
C LEU A 305 -28.47 6.84 -14.43
N GLY A 306 -28.92 8.02 -14.01
CA GLY A 306 -30.36 8.36 -13.95
C GLY A 306 -31.06 7.63 -12.82
N ILE A 307 -30.47 7.62 -11.61
CA ILE A 307 -31.01 6.99 -10.37
C ILE A 307 -31.01 8.02 -9.22
N SER A 308 -32.18 8.22 -8.61
CA SER A 308 -32.45 9.22 -7.54
C SER A 308 -33.08 8.57 -6.28
N ASP A 309 -33.62 7.36 -6.41
CA ASP A 309 -34.37 6.59 -5.37
C ASP A 309 -33.42 5.61 -4.67
N TYR A 310 -32.89 5.97 -3.49
CA TYR A 310 -31.80 5.23 -2.81
C TYR A 310 -32.37 4.01 -2.09
N ASN A 311 -33.69 3.89 -2.07
CA ASN A 311 -34.42 2.68 -1.59
C ASN A 311 -34.49 1.63 -2.71
N SER A 312 -34.11 1.97 -3.95
CA SER A 312 -34.24 1.09 -5.16
C SER A 312 -32.90 0.43 -5.53
N ILE A 313 -31.86 0.66 -4.74
CA ILE A 313 -30.51 0.08 -4.95
C ILE A 313 -30.21 -0.74 -3.72
N PHE A 314 -29.36 -1.76 -3.84
CA PHE A 314 -28.91 -2.55 -2.66
C PHE A 314 -27.75 -1.81 -1.98
N TRP A 315 -27.53 -2.14 -0.71
CA TRP A 315 -26.63 -1.40 0.21
C TRP A 315 -25.65 -2.33 0.92
N ILE A 316 -24.38 -1.94 0.88
CA ILE A 316 -23.27 -2.51 1.69
C ILE A 316 -22.52 -1.32 2.22
N ALA A 317 -22.61 -1.04 3.51
CA ALA A 317 -21.98 0.15 4.13
C ALA A 317 -21.14 -0.27 5.33
N HIS A 318 -19.88 0.14 5.38
CA HIS A 318 -18.97 -0.26 6.48
C HIS A 318 -19.63 0.11 7.80
N PRO A 319 -19.89 -0.88 8.68
CA PRO A 319 -20.49 -0.61 9.98
C PRO A 319 -19.45 -0.19 11.02
N GLY A 320 -18.98 1.06 10.98
CA GLY A 320 -18.00 1.61 11.94
C GLY A 320 -18.52 1.52 13.36
N GLY A 321 -19.77 1.95 13.54
CA GLY A 321 -20.57 1.62 14.72
C GLY A 321 -22.05 1.66 14.34
N PRO A 322 -22.96 1.43 15.30
CA PRO A 322 -24.39 1.47 15.01
C PRO A 322 -24.93 2.89 14.75
N ALA A 323 -24.26 3.93 15.27
CA ALA A 323 -24.67 5.35 15.14
C ALA A 323 -24.56 5.82 13.69
N ILE A 324 -23.46 5.48 12.99
CA ILE A 324 -23.30 5.85 11.55
C ILE A 324 -24.57 5.36 10.83
N LEU A 325 -24.86 4.06 10.96
CA LEU A 325 -25.91 3.36 10.17
C LEU A 325 -27.26 4.05 10.47
N ASP A 326 -27.52 4.33 11.75
CA ASP A 326 -28.80 4.92 12.24
C ASP A 326 -28.97 6.33 11.66
N GLN A 327 -27.92 7.16 11.73
CA GLN A 327 -27.96 8.58 11.29
C GLN A 327 -28.04 8.65 9.76
N VAL A 328 -27.41 7.72 9.05
CA VAL A 328 -27.55 7.63 7.56
C VAL A 328 -29.02 7.33 7.24
N GLU A 329 -29.53 6.23 7.81
CA GLU A 329 -30.90 5.70 7.59
C GLU A 329 -31.90 6.84 7.80
N ALA A 330 -31.80 7.51 8.95
CA ALA A 330 -32.70 8.59 9.39
C ALA A 330 -32.63 9.74 8.37
N LYS A 331 -31.41 10.20 8.05
CA LYS A 331 -31.13 11.34 7.12
C LYS A 331 -31.85 11.11 5.78
N LEU A 332 -31.58 9.96 5.15
CA LEU A 332 -31.94 9.61 3.75
C LEU A 332 -33.38 9.11 3.68
N GLY A 333 -33.89 8.51 4.76
CA GLY A 333 -35.21 7.84 4.78
C GLY A 333 -35.14 6.47 4.14
N LEU A 334 -34.04 5.75 4.39
CA LEU A 334 -33.95 4.31 4.04
C LEU A 334 -34.97 3.56 4.90
N LYS A 335 -35.71 2.65 4.26
CA LYS A 335 -36.49 1.58 4.93
C LYS A 335 -35.51 0.76 5.75
N PRO A 336 -35.93 0.14 6.88
CA PRO A 336 -35.00 -0.62 7.72
C PRO A 336 -34.39 -1.85 7.03
N GLU A 337 -35.02 -2.35 5.96
CA GLU A 337 -34.54 -3.49 5.12
C GLU A 337 -33.14 -3.23 4.54
N LYS A 338 -32.82 -1.98 4.17
CA LYS A 338 -31.64 -1.68 3.31
C LYS A 338 -30.34 -1.98 4.06
N MET A 339 -30.35 -1.78 5.37
CA MET A 339 -29.19 -2.02 6.26
C MET A 339 -29.21 -3.44 6.85
N GLU A 340 -30.17 -4.29 6.48
CA GLU A 340 -30.32 -5.67 7.04
C GLU A 340 -28.97 -6.39 6.93
N ALA A 341 -28.44 -6.55 5.71
CA ALA A 341 -27.19 -7.31 5.46
C ALA A 341 -26.06 -6.69 6.27
N THR A 342 -25.95 -5.37 6.26
CA THR A 342 -24.92 -4.63 7.02
C THR A 342 -25.09 -4.92 8.52
N ARG A 343 -26.30 -4.78 9.06
CA ARG A 343 -26.58 -4.92 10.52
C ARG A 343 -26.33 -6.37 10.97
N HIS A 344 -26.64 -7.35 10.11
CA HIS A 344 -26.42 -8.81 10.34
C HIS A 344 -24.93 -9.07 10.59
N VAL A 345 -24.05 -8.60 9.71
CA VAL A 345 -22.57 -8.79 9.85
C VAL A 345 -22.08 -8.09 11.13
N LEU A 346 -22.57 -6.89 11.40
CA LEU A 346 -22.22 -6.15 12.64
C LEU A 346 -22.58 -6.98 13.88
N SER A 347 -23.82 -7.47 13.94
CA SER A 347 -24.32 -8.32 15.04
C SER A 347 -23.42 -9.55 15.21
N GLU A 348 -23.18 -10.30 14.13
CA GLU A 348 -22.50 -11.63 14.14
C GLU A 348 -20.95 -11.49 14.25
N TYR A 349 -20.33 -10.40 13.80
CA TYR A 349 -18.85 -10.29 13.77
C TYR A 349 -18.30 -9.00 14.38
N GLY A 350 -19.08 -7.92 14.37
CA GLY A 350 -18.60 -6.57 14.74
C GLY A 350 -17.86 -5.87 13.61
N ASN A 351 -17.09 -4.84 13.98
CA ASN A 351 -16.27 -3.99 13.09
C ASN A 351 -14.93 -4.71 12.86
N MET A 352 -14.81 -5.41 11.73
CA MET A 352 -13.57 -6.12 11.33
C MET A 352 -12.76 -5.25 10.36
N SER A 353 -12.96 -3.93 10.43
CA SER A 353 -12.18 -2.94 9.66
C SER A 353 -12.33 -3.24 8.16
N SER A 354 -11.24 -3.43 7.41
CA SER A 354 -11.24 -3.51 5.92
C SER A 354 -12.03 -4.73 5.43
N ALA A 355 -12.07 -5.82 6.20
CA ALA A 355 -12.71 -7.09 5.78
C ALA A 355 -14.24 -6.95 5.72
N CYS A 356 -14.81 -6.06 6.57
N CYS A 356 -14.80 -6.06 6.56
CA CYS A 356 -16.25 -6.00 6.89
CA CYS A 356 -16.26 -6.02 6.87
C CYS A 356 -17.12 -5.98 5.62
C CYS A 356 -17.12 -5.98 5.60
N VAL A 357 -16.90 -5.01 4.71
CA VAL A 357 -17.78 -4.85 3.51
C VAL A 357 -17.72 -6.10 2.63
N LEU A 358 -16.60 -6.85 2.62
CA LEU A 358 -16.51 -8.09 1.80
C LEU A 358 -17.42 -9.18 2.39
N PHE A 359 -17.42 -9.33 3.73
CA PHE A 359 -18.37 -10.21 4.49
C PHE A 359 -19.81 -9.84 4.14
N ILE A 360 -20.14 -8.54 4.10
CA ILE A 360 -21.54 -8.05 3.92
C ILE A 360 -21.96 -8.45 2.51
N LEU A 361 -21.03 -8.31 1.56
CA LEU A 361 -21.24 -8.65 0.13
C LEU A 361 -21.57 -10.15 0.05
N ASP A 362 -20.88 -11.00 0.83
CA ASP A 362 -21.20 -12.44 0.97
C ASP A 362 -22.60 -12.58 1.58
N GLN A 363 -22.86 -11.91 2.71
CA GLN A 363 -24.17 -11.95 3.40
C GLN A 363 -25.28 -11.60 2.40
N MET A 364 -25.06 -10.64 1.50
CA MET A 364 -26.10 -10.22 0.54
C MET A 364 -26.38 -11.35 -0.45
N ARG A 365 -25.34 -11.95 -1.01
CA ARG A 365 -25.43 -13.10 -1.93
C ARG A 365 -26.20 -14.24 -1.22
N LYS A 366 -25.76 -14.66 -0.02
CA LYS A 366 -26.35 -15.81 0.73
C LYS A 366 -27.84 -15.59 0.92
N LYS A 367 -28.23 -14.41 1.41
CA LYS A 367 -29.66 -14.07 1.66
C LYS A 367 -30.45 -14.18 0.34
N SER A 368 -29.93 -13.61 -0.74
CA SER A 368 -30.64 -13.60 -2.04
C SER A 368 -30.92 -15.04 -2.49
N ILE A 369 -29.94 -15.94 -2.35
CA ILE A 369 -30.09 -17.36 -2.76
C ILE A 369 -31.16 -18.00 -1.84
N GLU A 370 -31.05 -17.75 -0.53
CA GLU A 370 -31.84 -18.37 0.57
C GLU A 370 -33.32 -18.06 0.37
N ASN A 371 -33.70 -16.79 0.20
CA ASN A 371 -35.11 -16.35 0.10
C ASN A 371 -35.51 -16.36 -1.38
N GLY A 372 -34.78 -17.13 -2.20
CA GLY A 372 -34.95 -17.22 -3.66
C GLY A 372 -35.36 -15.90 -4.30
N LEU A 373 -34.53 -14.86 -4.21
CA LEU A 373 -34.77 -13.54 -4.90
C LEU A 373 -34.11 -13.55 -6.29
N GLY A 374 -34.47 -12.58 -7.15
CA GLY A 374 -34.18 -12.57 -8.60
C GLY A 374 -32.72 -12.36 -8.95
N THR A 375 -31.94 -11.69 -8.07
CA THR A 375 -30.53 -11.28 -8.29
C THR A 375 -29.70 -11.56 -7.03
N THR A 376 -28.37 -11.60 -7.18
CA THR A 376 -27.39 -11.66 -6.04
C THR A 376 -27.51 -10.43 -5.13
N GLY A 377 -28.22 -9.38 -5.56
CA GLY A 377 -28.38 -8.13 -4.79
C GLY A 377 -29.82 -7.92 -4.34
N GLU A 378 -30.37 -8.86 -3.56
CA GLU A 378 -31.73 -8.76 -2.97
C GLU A 378 -32.80 -8.51 -4.05
N GLY A 379 -32.58 -8.98 -5.28
CA GLY A 379 -33.57 -8.91 -6.37
C GLY A 379 -33.48 -7.62 -7.18
N LEU A 380 -32.58 -6.71 -6.77
CA LEU A 380 -32.38 -5.36 -7.38
C LEU A 380 -31.17 -5.36 -8.31
N ASP A 381 -31.14 -4.43 -9.26
CA ASP A 381 -30.14 -4.41 -10.36
C ASP A 381 -28.87 -3.68 -9.91
N TRP A 382 -29.03 -2.45 -9.41
CA TRP A 382 -27.91 -1.55 -9.05
C TRP A 382 -27.74 -1.55 -7.53
N GLY A 383 -26.50 -1.36 -7.08
CA GLY A 383 -26.12 -1.33 -5.65
C GLY A 383 -24.96 -0.40 -5.37
N VAL A 384 -24.71 -0.11 -4.09
CA VAL A 384 -23.60 0.77 -3.65
C VAL A 384 -22.84 0.05 -2.54
N LEU A 385 -21.53 0.20 -2.53
CA LEU A 385 -20.67 -0.21 -1.39
C LEU A 385 -19.96 1.05 -0.89
N PHE A 386 -19.92 1.24 0.42
CA PHE A 386 -19.30 2.40 1.11
C PHE A 386 -18.33 1.92 2.17
N GLY A 387 -17.05 2.32 2.08
CA GLY A 387 -16.08 2.27 3.19
C GLY A 387 -15.93 3.66 3.81
N PHE A 388 -15.85 3.71 5.14
CA PHE A 388 -15.56 4.95 5.91
C PHE A 388 -14.33 4.68 6.77
N GLY A 389 -13.48 5.70 6.97
CA GLY A 389 -12.23 5.59 7.74
C GLY A 389 -11.43 6.89 7.80
N PRO A 390 -10.21 6.89 8.36
CA PRO A 390 -9.47 8.12 8.63
C PRO A 390 -9.34 9.07 7.42
N GLY A 391 -9.43 10.37 7.68
CA GLY A 391 -9.34 11.44 6.67
C GLY A 391 -10.10 12.68 7.11
N LEU A 392 -11.44 12.60 7.15
CA LEU A 392 -12.23 11.38 7.17
C LEU A 392 -12.58 10.93 5.74
N THR A 393 -12.18 9.72 5.36
CA THR A 393 -12.27 9.18 3.97
C THR A 393 -13.56 8.39 3.79
N VAL A 394 -14.30 8.67 2.70
CA VAL A 394 -15.41 7.83 2.15
C VAL A 394 -14.96 7.23 0.81
N GLU A 395 -15.05 5.91 0.69
CA GLU A 395 -14.84 5.15 -0.57
C GLU A 395 -16.21 4.69 -1.05
N THR A 396 -16.54 4.93 -2.32
CA THR A 396 -17.83 4.58 -2.97
C THR A 396 -17.54 3.57 -4.09
N VAL A 397 -18.26 2.44 -4.12
CA VAL A 397 -18.24 1.52 -5.30
C VAL A 397 -19.67 1.28 -5.75
N VAL A 398 -19.97 1.60 -7.02
CA VAL A 398 -21.28 1.29 -7.67
C VAL A 398 -21.19 -0.13 -8.24
N LEU A 399 -22.22 -0.95 -7.97
CA LEU A 399 -22.28 -2.40 -8.31
C LEU A 399 -23.50 -2.70 -9.18
N ARG A 400 -23.34 -3.73 -10.00
CA ARG A 400 -24.40 -4.44 -10.74
C ARG A 400 -24.51 -5.83 -10.12
N SER A 401 -25.71 -6.18 -9.65
CA SER A 401 -26.14 -7.56 -9.29
C SER A 401 -26.01 -8.47 -10.52
N VAL A 402 -26.01 -9.78 -10.30
CA VAL A 402 -26.13 -10.84 -11.35
C VAL A 402 -27.43 -11.61 -11.09
N THR A 403 -28.13 -11.99 -12.17
CA THR A 403 -29.42 -12.70 -12.08
C THR A 403 -29.16 -14.13 -11.58
N LEU A 404 -30.09 -14.63 -10.75
CA LEU A 404 -30.13 -16.04 -10.27
C LEU A 404 -31.24 -16.77 -11.05
N HIS B 16 -34.07 5.87 -22.68
CA HIS B 16 -32.93 4.97 -23.02
C HIS B 16 -32.29 4.44 -21.73
N MET B 17 -31.83 3.18 -21.72
CA MET B 17 -31.37 2.44 -20.51
C MET B 17 -29.85 2.21 -20.55
N VAL B 18 -29.13 2.67 -19.51
CA VAL B 18 -27.64 2.71 -19.46
C VAL B 18 -27.11 1.29 -19.21
N SER B 19 -26.22 0.81 -20.07
CA SER B 19 -25.58 -0.53 -20.01
C SER B 19 -24.15 -0.42 -19.48
N VAL B 20 -23.74 -1.37 -18.64
CA VAL B 20 -22.38 -1.43 -18.02
C VAL B 20 -21.33 -1.53 -19.13
N GLU B 21 -21.61 -2.26 -20.21
CA GLU B 21 -20.67 -2.43 -21.36
C GLU B 21 -20.49 -1.08 -22.08
N GLU B 22 -21.56 -0.28 -22.20
CA GLU B 22 -21.54 1.04 -22.89
C GLU B 22 -20.80 2.04 -21.98
N ILE B 23 -20.93 1.91 -20.65
CA ILE B 23 -20.23 2.74 -19.62
C ILE B 23 -18.72 2.52 -19.72
N ARG B 24 -18.30 1.26 -19.84
CA ARG B 24 -16.88 0.81 -19.87
C ARG B 24 -16.21 1.31 -21.16
N LYS B 25 -16.89 1.23 -22.31
CA LYS B 25 -16.40 1.80 -23.60
C LYS B 25 -16.10 3.30 -23.43
N ALA B 26 -16.99 4.04 -22.77
CA ALA B 26 -16.88 5.50 -22.55
C ALA B 26 -15.76 5.82 -21.55
N GLN B 27 -15.51 4.93 -20.59
CA GLN B 27 -14.85 5.27 -19.31
C GLN B 27 -13.34 5.05 -19.43
N ARG B 28 -12.88 4.37 -20.48
CA ARG B 28 -11.48 3.88 -20.62
C ARG B 28 -10.64 4.83 -21.49
N ALA B 29 -9.33 4.89 -21.25
CA ALA B 29 -8.33 5.59 -22.10
C ALA B 29 -8.04 4.74 -23.33
N GLU B 30 -7.40 5.33 -24.37
CA GLU B 30 -7.06 4.66 -25.66
C GLU B 30 -5.62 4.14 -25.64
N GLY B 31 -4.64 5.03 -25.41
CA GLY B 31 -3.21 4.77 -25.69
C GLY B 31 -2.45 4.30 -24.47
N PRO B 32 -1.12 4.08 -24.57
CA PRO B 32 -0.29 3.65 -23.43
C PRO B 32 0.15 4.73 -22.44
N ALA B 33 0.38 4.29 -21.20
CA ALA B 33 0.81 5.10 -20.04
C ALA B 33 2.09 5.86 -20.39
N THR B 34 2.08 7.17 -20.17
CA THR B 34 3.16 8.08 -20.62
C THR B 34 3.63 8.87 -19.39
N VAL B 35 4.92 8.74 -19.03
CA VAL B 35 5.62 9.66 -18.10
C VAL B 35 5.68 11.03 -18.79
N MET B 36 5.01 12.04 -18.24
CA MET B 36 4.96 13.41 -18.80
C MET B 36 5.79 14.37 -17.96
N ALA B 37 6.42 13.92 -16.87
CA ALA B 37 7.16 14.82 -15.97
C ALA B 37 7.98 14.04 -14.94
N ILE B 38 9.12 14.56 -14.50
CA ILE B 38 9.89 14.02 -13.35
C ILE B 38 10.47 15.19 -12.54
N GLY B 39 10.28 15.18 -11.21
CA GLY B 39 10.89 16.13 -10.27
C GLY B 39 11.49 15.39 -9.10
N THR B 40 12.59 15.88 -8.51
CA THR B 40 13.30 15.24 -7.37
C THR B 40 13.60 16.28 -6.29
N ALA B 41 13.81 15.83 -5.05
CA ALA B 41 14.24 16.66 -3.90
C ALA B 41 15.14 15.85 -2.95
N THR B 42 15.98 16.55 -2.19
CA THR B 42 16.79 15.96 -1.09
C THR B 42 16.66 16.86 0.14
N PRO B 43 16.92 16.33 1.36
CA PRO B 43 17.07 17.18 2.54
C PRO B 43 18.34 18.03 2.35
N PRO B 44 18.49 19.11 3.13
CA PRO B 44 19.55 20.09 2.88
C PRO B 44 20.96 19.66 3.34
N ASN B 45 21.06 19.09 4.54
N ASN B 45 21.07 19.03 4.52
CA ASN B 45 22.34 18.58 5.10
CA ASN B 45 22.36 18.62 5.14
C ASN B 45 22.95 17.54 4.16
C ASN B 45 23.03 17.52 4.29
N CYS B 46 24.05 17.88 3.50
CA CYS B 46 24.85 16.98 2.63
C CYS B 46 26.01 16.36 3.45
N VAL B 47 26.43 15.14 3.10
CA VAL B 47 27.33 14.30 3.94
C VAL B 47 28.38 13.62 3.04
N ASP B 48 29.65 14.00 3.17
CA ASP B 48 30.79 13.39 2.44
C ASP B 48 30.98 11.97 2.96
N GLN B 49 31.27 11.02 2.06
CA GLN B 49 31.53 9.60 2.38
C GLN B 49 32.99 9.44 2.87
N SER B 50 33.93 10.20 2.27
CA SER B 50 35.37 10.30 2.63
C SER B 50 35.56 10.43 4.14
N THR B 51 34.76 11.27 4.80
CA THR B 51 34.87 11.67 6.23
C THR B 51 33.87 10.90 7.12
N TYR B 52 32.81 10.30 6.54
CA TYR B 52 31.64 9.78 7.30
C TYR B 52 32.12 8.86 8.41
N PRO B 53 32.99 7.86 8.16
CA PRO B 53 33.42 6.95 9.22
C PRO B 53 33.83 7.62 10.55
N ASP B 54 34.45 8.80 10.53
CA ASP B 54 34.84 9.51 11.80
C ASP B 54 33.59 10.14 12.42
N TYR B 55 32.80 10.86 11.60
CA TYR B 55 31.52 11.51 12.01
C TYR B 55 30.66 10.47 12.73
N TYR B 56 30.41 9.33 12.06
CA TYR B 56 29.44 8.28 12.47
C TYR B 56 29.88 7.65 13.80
N PHE B 57 31.19 7.45 13.98
CA PHE B 57 31.75 6.78 15.18
C PHE B 57 31.80 7.78 16.35
N ARG B 58 31.93 9.08 16.09
CA ARG B 58 31.95 10.12 17.16
C ARG B 58 30.53 10.32 17.73
N ILE B 59 29.58 10.75 16.88
CA ILE B 59 28.20 11.16 17.31
C ILE B 59 27.50 9.96 17.95
N THR B 60 28.04 8.77 17.72
CA THR B 60 27.53 7.49 18.27
C THR B 60 28.37 7.07 19.50
N ASN B 61 29.13 7.99 20.08
CA ASN B 61 30.02 7.76 21.26
C ASN B 61 30.63 6.36 21.20
N SER B 62 31.43 6.06 20.17
CA SER B 62 32.02 4.70 19.96
C SER B 62 33.30 4.73 19.11
N GLU B 63 34.17 5.73 19.28
CA GLU B 63 35.52 5.76 18.64
C GLU B 63 36.40 4.66 19.23
N HIS B 64 36.12 4.24 20.48
CA HIS B 64 36.83 3.16 21.21
C HIS B 64 36.79 1.85 20.43
N MET B 65 35.73 1.59 19.63
CA MET B 65 35.61 0.39 18.75
C MET B 65 36.41 0.64 17.46
N THR B 66 37.73 0.39 17.47
CA THR B 66 38.73 0.93 16.50
C THR B 66 38.97 -0.05 15.33
N GLU B 67 38.89 -1.35 15.56
CA GLU B 67 39.02 -2.41 14.52
C GLU B 67 37.78 -2.37 13.63
N LEU B 68 36.61 -2.22 14.26
CA LEU B 68 35.28 -2.12 13.59
C LEU B 68 35.24 -0.88 12.68
N LYS B 69 35.82 0.23 13.14
CA LYS B 69 35.92 1.49 12.35
C LYS B 69 36.64 1.17 11.04
N GLU B 70 37.71 0.37 11.08
CA GLU B 70 38.52 0.00 9.90
C GLU B 70 37.66 -0.80 8.91
N LYS B 71 36.80 -1.69 9.40
CA LYS B 71 35.86 -2.46 8.55
C LYS B 71 34.95 -1.47 7.81
N PHE B 72 34.45 -0.45 8.55
CA PHE B 72 33.51 0.59 8.04
C PHE B 72 34.24 1.49 7.03
N LYS B 73 35.43 2.00 7.38
CA LYS B 73 36.27 2.81 6.45
C LYS B 73 36.34 2.04 5.13
N ARG B 74 36.60 0.73 5.21
CA ARG B 74 36.82 -0.14 4.03
C ARG B 74 35.49 -0.29 3.25
N MET B 75 34.36 -0.40 3.97
CA MET B 75 33.00 -0.49 3.35
C MET B 75 32.76 0.81 2.57
N CYS B 76 32.88 1.95 3.25
CA CYS B 76 32.67 3.30 2.67
C CYS B 76 33.59 3.48 1.45
N ASP B 77 34.84 2.99 1.52
CA ASP B 77 35.82 3.05 0.39
C ASP B 77 35.27 2.26 -0.81
N LYS B 78 34.65 1.10 -0.55
CA LYS B 78 34.21 0.14 -1.61
C LYS B 78 32.85 0.56 -2.20
N SER B 79 32.26 1.68 -1.74
CA SER B 79 30.82 1.99 -1.90
C SER B 79 30.52 2.75 -3.21
N MET B 80 31.53 3.36 -3.85
CA MET B 80 31.35 4.18 -5.07
C MET B 80 30.24 5.22 -4.82
N ILE B 81 30.17 5.74 -3.60
CA ILE B 81 29.27 6.85 -3.16
C ILE B 81 30.16 8.04 -2.79
N LYS B 82 30.06 9.14 -3.53
CA LYS B 82 30.77 10.43 -3.22
C LYS B 82 30.12 11.07 -1.99
N LYS B 83 28.79 11.09 -1.92
CA LYS B 83 28.01 11.83 -0.90
C LYS B 83 26.54 11.39 -0.91
N ARG B 84 25.82 11.71 0.19
CA ARG B 84 24.36 11.48 0.40
C ARG B 84 23.73 12.64 1.19
N TYR B 85 22.41 12.75 1.20
CA TYR B 85 21.66 13.82 1.92
C TYR B 85 20.90 13.18 3.08
N TYR B 87 18.09 14.06 6.40
CA TYR B 87 17.27 14.83 7.32
C TYR B 87 18.00 14.96 8.67
N LEU B 88 18.57 13.85 9.14
CA LEU B 88 19.35 13.79 10.40
C LEU B 88 20.60 14.65 10.27
N ASN B 89 21.01 15.27 11.37
CA ASN B 89 22.23 16.11 11.48
C ASN B 89 22.75 15.96 12.90
N GLU B 90 23.67 16.81 13.35
CA GLU B 90 24.27 16.71 14.70
C GLU B 90 23.28 17.24 15.75
N GLU B 91 22.62 18.36 15.48
CA GLU B 91 21.72 19.05 16.46
C GLU B 91 20.63 18.05 16.87
N ILE B 92 20.03 17.36 15.89
CA ILE B 92 18.82 16.51 16.05
C ILE B 92 19.17 15.23 16.84
N LEU B 93 20.29 14.59 16.50
CA LEU B 93 20.82 13.39 17.21
C LEU B 93 21.11 13.73 18.68
N LYS B 94 21.74 14.87 18.96
CA LYS B 94 22.08 15.33 20.33
C LYS B 94 20.79 15.51 21.16
N GLU B 95 19.68 15.88 20.51
CA GLU B 95 18.37 16.16 21.17
C GLU B 95 17.43 14.94 21.09
N ASN B 96 17.85 13.87 20.40
CA ASN B 96 17.13 12.56 20.36
C ASN B 96 18.17 11.45 20.53
N PRO B 97 18.87 11.40 21.69
CA PRO B 97 19.99 10.47 21.89
C PRO B 97 19.67 8.97 21.92
N SER B 98 18.38 8.61 22.05
CA SER B 98 17.86 7.20 21.97
C SER B 98 18.14 6.60 20.58
N VAL B 99 18.18 7.44 19.55
CA VAL B 99 18.49 7.07 18.13
C VAL B 99 19.96 6.66 18.00
N CYS B 100 20.85 7.17 18.85
CA CYS B 100 22.34 7.07 18.73
C CYS B 100 22.87 5.77 19.33
N ALA B 101 22.08 5.10 20.18
CA ALA B 101 22.36 3.74 20.69
C ALA B 101 22.44 2.77 19.51
N TYR B 102 22.80 1.50 19.76
CA TYR B 102 22.50 0.38 18.81
C TYR B 102 21.03 -0.06 19.04
N MET B 103 20.68 -0.41 20.29
CA MET B 103 19.31 -0.86 20.65
C MET B 103 18.85 -0.15 21.93
N ALA B 104 17.90 0.78 21.79
CA ALA B 104 17.17 1.46 22.90
C ALA B 104 15.78 1.86 22.41
N PRO B 105 14.75 1.95 23.28
CA PRO B 105 13.42 2.38 22.85
C PRO B 105 13.52 3.75 22.14
N SER B 106 13.43 3.75 20.80
CA SER B 106 13.69 4.91 19.92
C SER B 106 12.62 5.09 18.83
N LEU B 107 11.53 4.31 18.82
CA LEU B 107 10.58 4.33 17.68
C LEU B 107 9.70 5.60 17.71
N ASP B 108 9.16 5.96 18.89
CA ASP B 108 8.25 7.13 19.04
C ASP B 108 8.98 8.41 18.63
N ALA B 109 10.30 8.47 18.84
CA ALA B 109 11.17 9.58 18.43
C ALA B 109 11.25 9.63 16.91
N ARG B 110 11.55 8.49 16.27
CA ARG B 110 11.73 8.37 14.79
C ARG B 110 10.39 8.63 14.07
N GLN B 111 9.28 8.13 14.63
CA GLN B 111 7.91 8.30 14.05
C GLN B 111 7.57 9.80 14.09
N ASP B 112 7.74 10.40 15.26
CA ASP B 112 7.59 11.86 15.50
C ASP B 112 8.30 12.63 14.36
N MET B 113 9.52 12.21 13.98
CA MET B 113 10.29 12.82 12.88
C MET B 113 9.59 12.55 11.53
N VAL B 114 9.58 11.29 11.08
CA VAL B 114 9.40 10.92 9.64
C VAL B 114 7.94 11.05 9.21
N VAL B 115 6.99 11.11 10.15
CA VAL B 115 5.53 11.21 9.81
C VAL B 115 5.23 12.61 9.26
N VAL B 116 5.85 13.62 9.87
CA VAL B 116 5.85 15.04 9.43
C VAL B 116 6.70 15.18 8.17
N GLU B 117 7.91 14.63 8.22
CA GLU B 117 9.02 14.96 7.29
C GLU B 117 8.85 14.24 5.94
N VAL B 118 8.50 12.94 5.94
CA VAL B 118 8.47 12.13 4.69
C VAL B 118 7.53 12.82 3.69
N PRO B 119 6.34 13.30 4.09
CA PRO B 119 5.50 14.04 3.15
C PRO B 119 5.92 15.49 2.79
N LYS B 120 6.61 16.23 3.67
CA LYS B 120 7.15 17.58 3.29
C LYS B 120 8.12 17.40 2.12
N LEU B 121 9.08 16.49 2.26
CA LEU B 121 10.06 16.18 1.20
C LEU B 121 9.33 15.76 -0.08
N GLY B 122 8.30 14.92 0.02
CA GLY B 122 7.52 14.48 -1.15
C GLY B 122 6.90 15.68 -1.87
N LYS B 123 6.41 16.66 -1.10
CA LYS B 123 5.72 17.85 -1.64
C LYS B 123 6.70 18.64 -2.52
N GLU B 124 7.96 18.72 -2.12
CA GLU B 124 8.99 19.50 -2.87
C GLU B 124 9.11 18.89 -4.27
N ALA B 125 9.32 17.58 -4.34
CA ALA B 125 9.45 16.80 -5.60
C ALA B 125 8.18 16.94 -6.43
N ALA B 126 7.02 16.80 -5.79
CA ALA B 126 5.72 16.82 -6.47
C ALA B 126 5.53 18.19 -7.15
N THR B 127 5.75 19.29 -6.42
CA THR B 127 5.68 20.68 -6.94
C THR B 127 6.47 20.82 -8.25
N LYS B 128 7.70 20.30 -8.31
CA LYS B 128 8.59 20.36 -9.50
C LYS B 128 8.00 19.55 -10.66
N ALA B 129 7.61 18.32 -10.41
CA ALA B 129 6.96 17.43 -11.40
C ALA B 129 5.74 18.15 -11.98
N ILE B 130 4.94 18.77 -11.11
CA ILE B 130 3.68 19.47 -11.54
C ILE B 130 4.04 20.63 -12.46
N LYS B 131 5.05 21.43 -12.09
N LYS B 131 5.07 21.41 -12.08
CA LYS B 131 5.53 22.58 -12.89
CA LYS B 131 5.59 22.57 -12.84
C LYS B 131 5.95 22.06 -14.28
C LYS B 131 6.00 22.10 -14.25
N GLU B 132 6.80 21.03 -14.31
CA GLU B 132 7.29 20.48 -15.61
C GLU B 132 6.08 20.11 -16.48
N TRP B 133 5.14 19.34 -15.93
CA TRP B 133 3.94 18.81 -16.63
C TRP B 133 3.14 19.98 -17.25
N GLY B 134 3.06 21.10 -16.54
CA GLY B 134 2.56 22.38 -17.07
C GLY B 134 1.04 22.48 -17.05
N GLN B 135 0.32 21.49 -16.53
CA GLN B 135 -1.17 21.51 -16.39
C GLN B 135 -1.52 21.97 -14.98
N PRO B 136 -2.78 22.38 -14.73
CA PRO B 136 -3.24 22.73 -13.39
C PRO B 136 -3.23 21.49 -12.48
N LYS B 137 -3.06 21.67 -11.16
CA LYS B 137 -3.03 20.53 -10.21
C LYS B 137 -4.45 20.00 -9.97
N SER B 138 -5.47 20.79 -10.30
CA SER B 138 -6.90 20.38 -10.28
C SER B 138 -7.17 19.23 -11.26
N LYS B 139 -6.25 18.93 -12.19
CA LYS B 139 -6.47 17.87 -13.22
C LYS B 139 -5.78 16.55 -12.82
N ILE B 140 -5.03 16.52 -11.72
CA ILE B 140 -4.58 15.25 -11.08
C ILE B 140 -5.83 14.51 -10.58
N THR B 141 -5.96 13.23 -10.91
CA THR B 141 -7.13 12.38 -10.58
C THR B 141 -6.71 11.24 -9.62
N HIS B 142 -5.46 10.79 -9.69
CA HIS B 142 -4.92 9.70 -8.84
C HIS B 142 -3.58 10.10 -8.24
N LEU B 143 -3.35 9.76 -6.97
CA LEU B 143 -2.06 9.90 -6.25
C LEU B 143 -1.61 8.51 -5.74
N ILE B 144 -0.39 8.12 -6.07
CA ILE B 144 0.33 6.98 -5.44
C ILE B 144 1.41 7.60 -4.55
N PHE B 145 1.39 7.33 -3.25
CA PHE B 145 2.47 7.77 -2.33
C PHE B 145 3.19 6.53 -1.83
N CYS B 146 4.51 6.44 -2.01
CA CYS B 146 5.33 5.27 -1.59
C CYS B 146 6.46 5.69 -0.64
N THR B 147 6.57 5.09 0.54
CA THR B 147 7.71 5.26 1.48
C THR B 147 8.03 3.94 2.17
N THR B 148 9.08 3.95 3.00
CA THR B 148 9.61 2.80 3.77
C THR B 148 10.02 3.31 5.17
N SER B 149 9.51 4.49 5.52
CA SER B 149 9.98 5.33 6.65
C SER B 149 8.75 5.79 7.42
N GLY B 150 8.30 4.93 8.34
CA GLY B 150 7.21 5.19 9.29
C GLY B 150 5.84 4.98 8.66
N VAL B 151 4.80 5.00 9.50
CA VAL B 151 3.39 4.80 9.10
C VAL B 151 2.51 5.69 9.98
N ASP B 152 1.30 5.98 9.51
CA ASP B 152 0.32 6.84 10.21
C ASP B 152 -1.03 6.72 9.51
N MET B 153 -2.08 7.01 10.28
CA MET B 153 -3.50 7.06 9.84
C MET B 153 -4.09 8.37 10.34
N PRO B 154 -4.58 9.27 9.46
CA PRO B 154 -4.43 9.10 8.01
C PRO B 154 -2.94 9.09 7.61
N GLY B 155 -2.65 8.70 6.37
CA GLY B 155 -1.28 8.43 5.90
C GLY B 155 -0.67 9.59 5.14
N ALA B 156 0.61 9.43 4.73
CA ALA B 156 1.45 10.36 3.97
C ALA B 156 0.70 10.86 2.73
N ASP B 157 -0.16 10.01 2.16
CA ASP B 157 -1.00 10.31 0.97
C ASP B 157 -2.00 11.44 1.30
N TYR B 158 -2.74 11.33 2.41
CA TYR B 158 -3.65 12.39 2.91
C TYR B 158 -2.85 13.65 3.28
N GLN B 159 -1.62 13.48 3.80
CA GLN B 159 -0.77 14.61 4.25
C GLN B 159 -0.33 15.43 3.04
N LEU B 160 0.11 14.77 1.98
CA LEU B 160 0.51 15.40 0.70
C LEU B 160 -0.71 16.08 0.05
N THR B 161 -1.86 15.44 0.00
CA THR B 161 -3.09 15.98 -0.64
C THR B 161 -3.37 17.36 -0.04
N LYS B 162 -3.22 17.45 1.29
CA LYS B 162 -3.45 18.66 2.11
C LYS B 162 -2.39 19.72 1.79
N LEU B 163 -1.10 19.36 1.80
CA LEU B 163 0.05 20.28 1.51
C LEU B 163 -0.02 20.84 0.08
N LEU B 164 -0.37 20.04 -0.93
CA LEU B 164 -0.47 20.46 -2.35
C LEU B 164 -1.84 21.10 -2.64
N GLY B 165 -2.81 20.96 -1.73
CA GLY B 165 -4.20 21.38 -1.99
C GLY B 165 -4.73 20.76 -3.28
N LEU B 166 -4.54 19.45 -3.46
CA LEU B 166 -5.22 18.68 -4.53
C LEU B 166 -6.71 18.60 -4.19
N ARG B 167 -7.54 18.26 -5.18
N ARG B 167 -7.55 18.27 -5.18
CA ARG B 167 -9.00 18.01 -5.02
CA ARG B 167 -9.01 18.07 -5.00
C ARG B 167 -9.25 17.03 -3.87
C ARG B 167 -9.27 17.04 -3.90
N PRO B 168 -10.28 17.23 -3.02
CA PRO B 168 -10.53 16.29 -1.93
C PRO B 168 -10.87 14.90 -2.48
N SER B 169 -11.50 14.81 -3.67
CA SER B 169 -11.99 13.55 -4.26
C SER B 169 -10.92 12.92 -5.17
N VAL B 170 -9.64 13.19 -4.90
CA VAL B 170 -8.50 12.51 -5.57
C VAL B 170 -8.41 11.07 -5.01
N LYS B 171 -8.17 10.11 -5.91
CA LYS B 171 -8.07 8.67 -5.58
C LYS B 171 -6.64 8.36 -5.13
N ARG B 172 -6.48 7.95 -3.88
CA ARG B 172 -5.15 7.68 -3.27
C ARG B 172 -4.87 6.18 -3.18
N TYR B 173 -3.58 5.86 -3.27
CA TYR B 173 -2.96 4.51 -3.21
C TYR B 173 -1.72 4.66 -2.31
N MET B 174 -1.83 4.32 -1.01
CA MET B 174 -0.76 4.54 0.00
C MET B 174 0.05 3.25 0.19
N MET B 175 1.24 3.19 -0.41
N MET B 175 1.22 3.19 -0.46
CA MET B 175 2.11 1.98 -0.37
CA MET B 175 2.20 2.08 -0.39
C MET B 175 3.21 2.18 0.68
C MET B 175 3.16 2.35 0.77
N TYR B 176 2.99 1.68 1.91
CA TYR B 176 3.94 1.75 3.05
C TYR B 176 4.83 0.50 3.11
N GLN B 177 6.12 0.68 3.39
CA GLN B 177 7.03 -0.35 3.96
C GLN B 177 7.37 -1.47 2.96
N GLN B 178 7.59 -1.17 1.66
CA GLN B 178 7.88 -2.24 0.65
C GLN B 178 9.37 -2.31 0.32
N GLY B 179 10.10 -1.20 0.51
CA GLY B 179 11.55 -1.13 0.28
C GLY B 179 11.89 -0.85 -1.17
N PHE B 181 12.35 -2.22 -4.21
CA PHE B 181 11.88 -2.58 -5.53
C PHE B 181 10.70 -1.69 -5.92
N ALA B 182 10.20 -0.86 -4.98
CA ALA B 182 8.90 -0.15 -5.09
C ALA B 182 8.89 0.90 -6.22
N GLY B 183 10.04 1.39 -6.67
CA GLY B 183 10.11 2.31 -7.82
C GLY B 183 9.62 1.65 -9.10
N GLY B 184 9.81 0.33 -9.19
CA GLY B 184 9.18 -0.50 -10.23
C GLY B 184 7.69 -0.61 -9.97
N THR B 185 7.32 -0.93 -8.73
CA THR B 185 5.92 -1.20 -8.29
C THR B 185 5.02 0.00 -8.62
N VAL B 186 5.53 1.22 -8.43
CA VAL B 186 4.74 2.48 -8.60
C VAL B 186 4.53 2.75 -10.10
N LEU B 187 5.47 2.38 -10.96
CA LEU B 187 5.27 2.51 -12.43
C LEU B 187 4.27 1.44 -12.89
N ARG B 188 4.41 0.20 -12.41
CA ARG B 188 3.51 -0.94 -12.74
C ARG B 188 2.05 -0.55 -12.42
N LEU B 189 1.82 0.00 -11.23
CA LEU B 189 0.49 0.44 -10.73
C LEU B 189 -0.06 1.59 -11.60
N ALA B 190 0.69 2.67 -11.71
CA ALA B 190 0.34 3.91 -12.46
C ALA B 190 -0.03 3.57 -13.91
N LYS B 191 0.67 2.60 -14.50
CA LYS B 191 0.43 2.14 -15.88
C LYS B 191 -1.05 1.74 -16.03
N ASP B 192 -1.62 1.02 -15.07
CA ASP B 192 -3.02 0.52 -15.16
C ASP B 192 -4.03 1.65 -14.83
N LEU B 193 -3.77 2.44 -13.77
CA LEU B 193 -4.65 3.56 -13.37
C LEU B 193 -4.87 4.48 -14.58
N ALA B 194 -3.78 4.86 -15.24
CA ALA B 194 -3.79 5.76 -16.41
C ALA B 194 -4.51 5.13 -17.60
N GLU B 195 -4.17 3.88 -17.96
CA GLU B 195 -4.60 3.24 -19.23
C GLU B 195 -6.09 2.87 -19.20
N ASN B 196 -6.69 2.69 -18.02
CA ASN B 196 -8.09 2.18 -17.86
C ASN B 196 -9.09 3.33 -17.67
N ASN B 197 -8.63 4.55 -17.43
CA ASN B 197 -9.50 5.69 -17.04
C ASN B 197 -9.21 6.91 -17.93
N LYS B 198 -10.17 7.29 -18.78
CA LYS B 198 -10.11 8.47 -19.68
C LYS B 198 -9.90 9.71 -18.82
N GLY B 199 -8.99 10.60 -19.25
CA GLY B 199 -8.69 11.88 -18.57
C GLY B 199 -7.82 11.73 -17.32
N ALA B 200 -7.49 10.51 -16.90
CA ALA B 200 -6.79 10.21 -15.62
C ALA B 200 -5.34 10.69 -15.69
N ARG B 201 -4.94 11.50 -14.72
CA ARG B 201 -3.55 12.01 -14.61
C ARG B 201 -3.05 11.65 -13.22
N VAL B 202 -1.99 10.85 -13.17
CA VAL B 202 -1.51 10.18 -11.94
C VAL B 202 -0.28 10.91 -11.41
N LEU B 203 -0.35 11.46 -10.21
CA LEU B 203 0.85 11.93 -9.47
C LEU B 203 1.42 10.77 -8.67
N VAL B 204 2.66 10.36 -8.97
CA VAL B 204 3.40 9.31 -8.20
C VAL B 204 4.47 10.00 -7.39
N VAL B 205 4.64 9.62 -6.13
CA VAL B 205 5.67 10.20 -5.21
C VAL B 205 6.24 9.06 -4.37
N CYS B 206 7.55 8.84 -4.46
CA CYS B 206 8.35 8.03 -3.52
C CYS B 206 9.16 8.99 -2.65
N SER B 207 9.14 8.83 -1.32
CA SER B 207 9.87 9.71 -0.37
C SER B 207 10.48 8.87 0.74
N GLU B 208 11.81 8.88 0.90
CA GLU B 208 12.55 7.95 1.78
C GLU B 208 13.47 8.73 2.73
N ILE B 209 13.31 8.56 4.05
CA ILE B 209 14.11 9.22 5.12
C ILE B 209 14.74 8.14 6.03
N THR B 210 16.07 8.13 6.17
CA THR B 210 16.81 7.05 6.86
C THR B 210 16.85 7.28 8.37
N ALA B 211 16.17 8.30 8.90
CA ALA B 211 16.00 8.55 10.35
C ALA B 211 15.44 7.31 11.06
N VAL B 212 14.75 6.46 10.31
CA VAL B 212 13.98 5.31 10.85
C VAL B 212 14.93 4.13 11.07
N THR B 213 16.00 4.00 10.29
CA THR B 213 16.92 2.82 10.28
C THR B 213 18.29 3.16 10.90
N PHE B 214 18.66 4.43 10.97
CA PHE B 214 19.96 4.89 11.50
C PHE B 214 20.08 4.43 12.95
N ARG B 215 21.18 3.74 13.27
CA ARG B 215 21.51 3.31 14.66
C ARG B 215 23.04 3.19 14.79
N GLY B 216 23.50 3.07 16.05
CA GLY B 216 24.92 2.83 16.37
C GLY B 216 25.41 1.48 15.85
N PRO B 217 26.74 1.29 15.77
CA PRO B 217 27.33 0.03 15.29
C PRO B 217 27.67 -0.98 16.41
N THR B 218 27.68 -2.27 16.07
CA THR B 218 28.21 -3.36 16.93
C THR B 218 28.87 -4.43 16.04
N ASP B 219 29.77 -5.22 16.65
CA ASP B 219 30.61 -6.26 16.00
C ASP B 219 29.72 -7.40 15.50
N THR B 220 28.76 -7.83 16.35
CA THR B 220 27.87 -9.01 16.17
C THR B 220 27.07 -8.88 14.87
N HIS B 221 26.47 -7.71 14.63
CA HIS B 221 25.65 -7.38 13.43
C HIS B 221 26.46 -6.49 12.48
N LEU B 222 27.30 -7.12 11.63
CA LEU B 222 28.16 -6.47 10.61
C LEU B 222 27.31 -6.06 9.39
N ASP B 223 26.12 -6.65 9.23
CA ASP B 223 25.17 -6.38 8.11
C ASP B 223 24.43 -5.06 8.35
N SER B 224 24.00 -4.77 9.60
CA SER B 224 23.51 -3.44 10.04
C SER B 224 24.38 -2.36 9.38
N LEU B 225 25.69 -2.58 9.41
CA LEU B 225 26.73 -1.56 9.14
C LEU B 225 26.78 -1.24 7.64
N VAL B 226 26.70 -2.25 6.76
CA VAL B 226 26.65 -2.05 5.28
C VAL B 226 25.60 -0.97 4.97
N GLY B 227 24.41 -1.12 5.57
CA GLY B 227 23.28 -0.18 5.43
C GLY B 227 23.68 1.25 5.75
N GLN B 228 24.34 1.44 6.89
N GLN B 228 24.35 1.47 6.88
CA GLN B 228 24.78 2.76 7.44
CA GLN B 228 24.71 2.84 7.35
C GLN B 228 25.79 3.41 6.47
C GLN B 228 25.83 3.42 6.48
N ALA B 229 26.30 2.64 5.50
CA ALA B 229 27.27 3.08 4.48
C ALA B 229 26.61 3.28 3.10
N LEU B 230 25.39 2.77 2.85
CA LEU B 230 24.77 2.85 1.48
C LEU B 230 23.49 3.70 1.44
N PHE B 231 22.63 3.65 2.46
CA PHE B 231 21.28 4.26 2.43
C PHE B 231 21.35 5.78 2.63
N GLY B 232 20.70 6.53 1.75
CA GLY B 232 20.58 8.00 1.81
C GLY B 232 19.14 8.45 1.63
N ASP B 233 18.86 9.75 1.78
CA ASP B 233 17.49 10.31 1.78
C ASP B 233 17.21 10.99 0.43
N GLY B 234 15.93 11.05 0.06
CA GLY B 234 15.49 11.70 -1.19
C GLY B 234 14.04 11.39 -1.50
N ALA B 235 13.39 12.28 -2.26
CA ALA B 235 12.05 12.09 -2.84
C ALA B 235 12.10 12.27 -4.36
N ALA B 236 11.22 11.57 -5.09
CA ALA B 236 11.00 11.75 -6.54
C ALA B 236 9.49 11.69 -6.82
N ALA B 237 9.03 12.43 -7.82
CA ALA B 237 7.64 12.45 -8.29
C ALA B 237 7.63 12.29 -9.81
N VAL B 238 6.59 11.65 -10.37
CA VAL B 238 6.35 11.65 -11.83
C VAL B 238 4.86 11.90 -12.05
N ILE B 239 4.51 12.53 -13.18
CA ILE B 239 3.12 12.53 -13.74
C ILE B 239 3.07 11.42 -14.78
N VAL B 240 2.02 10.60 -14.75
CA VAL B 240 1.77 9.53 -15.77
C VAL B 240 0.34 9.69 -16.27
N GLY B 241 0.14 9.46 -17.57
CA GLY B 241 -1.19 9.58 -18.18
C GLY B 241 -1.20 9.00 -19.57
N SER B 242 -2.36 8.58 -20.04
CA SER B 242 -2.58 8.11 -21.42
C SER B 242 -3.28 9.22 -22.21
N ASP B 243 -3.10 9.22 -23.53
CA ASP B 243 -3.74 10.17 -24.47
C ASP B 243 -3.20 11.58 -24.21
N PRO B 244 -1.89 11.82 -24.44
CA PRO B 244 -1.29 13.12 -24.17
C PRO B 244 -2.00 14.22 -24.98
N LEU B 245 -2.28 15.35 -24.33
CA LEU B 245 -2.74 16.57 -25.04
C LEU B 245 -1.62 17.07 -25.94
N PRO B 246 -1.95 17.85 -27.00
CA PRO B 246 -0.92 18.54 -27.79
C PRO B 246 0.07 19.34 -26.92
N VAL B 247 -0.37 19.91 -25.78
CA VAL B 247 0.48 20.80 -24.92
C VAL B 247 1.11 20.00 -23.78
N GLU B 248 0.94 18.68 -23.75
CA GLU B 248 1.70 17.81 -22.80
C GLU B 248 2.99 17.42 -23.49
N LYS B 249 4.00 16.97 -22.73
CA LYS B 249 5.34 16.63 -23.28
C LYS B 249 5.73 15.24 -22.78
N PRO B 250 5.37 14.18 -23.53
CA PRO B 250 5.81 12.82 -23.23
C PRO B 250 7.32 12.71 -23.03
N LEU B 251 7.77 11.89 -22.07
CA LEU B 251 9.20 11.58 -21.85
C LEU B 251 9.47 10.11 -22.15
N PHE B 252 8.61 9.22 -21.66
CA PHE B 252 8.72 7.74 -21.87
C PHE B 252 7.34 7.09 -21.85
N GLN B 253 7.19 6.01 -22.61
CA GLN B 253 6.01 5.13 -22.57
C GLN B 253 6.35 3.92 -21.70
N LEU B 254 5.40 3.52 -20.85
CA LEU B 254 5.42 2.27 -20.06
C LEU B 254 4.71 1.20 -20.89
N VAL B 255 5.46 0.19 -21.34
CA VAL B 255 5.01 -0.81 -22.36
C VAL B 255 4.49 -2.06 -21.65
N TRP B 256 5.25 -2.56 -20.67
CA TRP B 256 5.18 -3.94 -20.15
C TRP B 256 5.91 -4.02 -18.80
N THR B 257 5.24 -4.61 -17.79
CA THR B 257 5.71 -4.69 -16.37
C THR B 257 5.66 -6.14 -15.93
N ALA B 258 6.51 -6.53 -14.98
CA ALA B 258 6.50 -7.87 -14.34
C ALA B 258 7.07 -7.74 -12.94
N GLN B 259 6.65 -8.61 -12.03
CA GLN B 259 7.26 -8.82 -10.68
C GLN B 259 7.46 -10.33 -10.54
N THR B 260 8.58 -10.77 -9.93
CA THR B 260 8.90 -12.19 -9.71
C THR B 260 9.75 -12.32 -8.46
N ILE B 261 9.57 -13.39 -7.70
CA ILE B 261 10.47 -13.76 -6.57
C ILE B 261 11.51 -14.74 -7.11
N LEU B 262 12.76 -14.55 -6.71
CA LEU B 262 13.93 -15.33 -7.18
C LEU B 262 14.00 -16.65 -6.41
N PRO B 263 14.33 -17.75 -7.10
CA PRO B 263 14.58 -19.04 -6.43
C PRO B 263 15.82 -19.00 -5.51
N ASP B 264 15.75 -19.76 -4.42
CA ASP B 264 16.85 -19.96 -3.43
C ASP B 264 17.20 -18.63 -2.77
N SER B 265 16.22 -17.72 -2.65
CA SER B 265 16.41 -16.31 -2.20
C SER B 265 15.71 -16.03 -0.86
N GLU B 266 15.13 -17.06 -0.25
N GLU B 266 15.08 -17.03 -0.24
CA GLU B 266 14.32 -16.98 1.00
CA GLU B 266 14.22 -16.85 0.96
C GLU B 266 15.19 -16.42 2.13
C GLU B 266 15.10 -16.44 2.14
N GLY B 267 14.82 -15.27 2.72
CA GLY B 267 15.50 -14.71 3.90
C GLY B 267 16.62 -13.74 3.55
N ALA B 268 16.88 -13.50 2.25
CA ALA B 268 18.07 -12.78 1.74
C ALA B 268 18.07 -11.33 2.24
N ILE B 269 16.94 -10.64 2.11
CA ILE B 269 16.76 -9.26 2.61
C ILE B 269 15.51 -9.25 3.48
N ASP B 270 15.67 -9.03 4.79
CA ASP B 270 14.59 -8.97 5.82
C ASP B 270 14.55 -7.56 6.41
N GLY B 271 13.38 -7.11 6.87
CA GLY B 271 13.21 -5.81 7.55
C GLY B 271 12.07 -5.87 8.55
N HIS B 272 12.35 -5.58 9.82
CA HIS B 272 11.38 -5.63 10.94
C HIS B 272 11.26 -4.24 11.58
N LEU B 273 10.03 -3.73 11.76
CA LEU B 273 9.75 -2.48 12.50
C LEU B 273 9.50 -2.81 13.98
N ARG B 274 10.42 -2.40 14.86
CA ARG B 274 10.45 -2.73 16.31
C ARG B 274 10.45 -1.44 17.15
N GLU B 275 10.59 -1.56 18.48
CA GLU B 275 10.60 -0.43 19.45
C GLU B 275 11.92 0.35 19.29
N VAL B 276 12.93 -0.29 18.71
CA VAL B 276 14.29 0.28 18.49
C VAL B 276 14.40 0.88 17.09
N GLY B 277 13.34 0.73 16.27
CA GLY B 277 13.24 1.30 14.92
C GLY B 277 13.19 0.21 13.88
N LEU B 278 13.39 0.56 12.62
CA LEU B 278 13.48 -0.41 11.49
C LEU B 278 14.87 -1.06 11.44
N THR B 279 14.95 -2.38 11.30
CA THR B 279 16.24 -3.12 11.26
C THR B 279 16.31 -3.98 9.99
N PHE B 280 17.33 -3.75 9.15
CA PHE B 280 17.63 -4.55 7.92
C PHE B 280 18.47 -5.75 8.33
N HIS B 281 18.25 -6.92 7.71
CA HIS B 281 19.02 -8.19 7.88
C HIS B 281 19.42 -8.76 6.52
N LEU B 282 20.58 -9.43 6.46
CA LEU B 282 21.12 -10.07 5.23
C LEU B 282 21.52 -11.52 5.54
N LEU B 283 20.90 -12.47 4.83
CA LEU B 283 21.47 -13.83 4.60
C LEU B 283 21.83 -13.90 3.11
N LYS B 284 22.51 -14.97 2.68
CA LYS B 284 22.76 -15.27 1.24
C LYS B 284 23.54 -14.14 0.57
N ASP B 285 23.92 -14.32 -0.70
CA ASP B 285 24.76 -13.40 -1.51
C ASP B 285 23.85 -12.70 -2.53
N VAL B 286 23.45 -11.46 -2.24
CA VAL B 286 22.35 -10.75 -2.98
C VAL B 286 22.80 -10.47 -4.41
N PRO B 287 24.02 -9.91 -4.64
CA PRO B 287 24.54 -9.73 -6.00
C PRO B 287 24.61 -11.03 -6.84
N GLY B 288 24.97 -12.16 -6.20
CA GLY B 288 25.07 -13.49 -6.84
C GLY B 288 23.72 -13.97 -7.37
N LEU B 289 22.68 -13.81 -6.55
CA LEU B 289 21.29 -14.26 -6.88
C LEU B 289 20.73 -13.42 -8.04
N ILE B 290 20.93 -12.09 -8.00
CA ILE B 290 20.42 -11.15 -9.04
C ILE B 290 21.11 -11.46 -10.37
N SER B 291 22.45 -11.55 -10.37
CA SER B 291 23.27 -11.83 -11.58
C SER B 291 22.83 -13.14 -12.22
N LYS B 292 22.74 -14.21 -11.42
CA LYS B 292 22.35 -15.56 -11.91
C LYS B 292 21.03 -15.49 -12.71
N ASN B 293 20.05 -14.66 -12.28
CA ASN B 293 18.62 -14.81 -12.66
C ASN B 293 18.16 -13.72 -13.64
N ILE B 294 18.98 -12.71 -13.90
CA ILE B 294 18.55 -11.44 -14.57
C ILE B 294 18.21 -11.71 -16.04
N GLU B 295 19.02 -12.53 -16.72
CA GLU B 295 18.88 -12.82 -18.16
C GLU B 295 17.47 -13.39 -18.41
N LYS B 296 16.99 -14.20 -17.47
CA LYS B 296 15.63 -14.79 -17.49
C LYS B 296 14.62 -13.67 -17.66
N ALA B 297 14.64 -12.71 -16.73
CA ALA B 297 13.73 -11.55 -16.67
C ALA B 297 13.79 -10.79 -18.00
N LEU B 298 14.99 -10.67 -18.58
CA LEU B 298 15.19 -9.91 -19.84
C LEU B 298 14.57 -10.68 -21.01
N VAL B 299 14.79 -12.01 -21.09
CA VAL B 299 14.20 -12.89 -22.14
C VAL B 299 12.66 -12.80 -22.07
N GLU B 300 12.10 -12.92 -20.86
CA GLU B 300 10.65 -12.72 -20.56
C GLU B 300 10.17 -11.37 -21.14
N ALA B 301 10.88 -10.28 -20.84
CA ALA B 301 10.54 -8.90 -21.27
C ALA B 301 10.75 -8.73 -22.79
N PHE B 302 11.90 -9.12 -23.32
CA PHE B 302 12.41 -8.62 -24.63
C PHE B 302 12.29 -9.63 -25.77
N GLN B 303 12.29 -10.95 -25.55
CA GLN B 303 12.17 -11.93 -26.66
C GLN B 303 10.88 -11.72 -27.44
N PRO B 304 9.71 -11.47 -26.79
CA PRO B 304 8.48 -11.20 -27.55
C PRO B 304 8.64 -10.01 -28.51
N LEU B 305 9.59 -9.09 -28.25
CA LEU B 305 9.86 -7.89 -29.10
C LEU B 305 11.05 -8.16 -30.02
N GLY B 306 11.62 -9.36 -29.97
CA GLY B 306 12.75 -9.80 -30.81
C GLY B 306 14.02 -9.04 -30.48
N ILE B 307 14.32 -8.90 -29.20
CA ILE B 307 15.56 -8.25 -28.67
C ILE B 307 16.30 -9.23 -27.77
N SER B 308 17.57 -9.51 -28.08
CA SER B 308 18.48 -10.42 -27.34
C SER B 308 19.84 -9.76 -27.08
N ASP B 309 20.12 -8.62 -27.73
CA ASP B 309 21.35 -7.81 -27.55
C ASP B 309 21.06 -6.68 -26.55
N TYR B 310 21.47 -6.86 -25.30
CA TYR B 310 21.10 -6.02 -24.13
C TYR B 310 21.99 -4.76 -24.10
N ASN B 311 22.99 -4.68 -24.99
CA ASN B 311 23.77 -3.43 -25.21
C ASN B 311 22.95 -2.45 -26.08
N SER B 312 21.98 -2.95 -26.87
CA SER B 312 21.12 -2.16 -27.80
C SER B 312 19.91 -1.52 -27.08
N ILE B 313 19.80 -1.65 -25.75
CA ILE B 313 18.72 -1.02 -24.90
C ILE B 313 19.38 -0.13 -23.83
N PHE B 314 18.64 0.85 -23.31
CA PHE B 314 19.10 1.74 -22.21
C PHE B 314 18.65 1.14 -20.86
N TRP B 315 19.46 1.38 -19.84
CA TRP B 315 19.34 0.72 -18.52
C TRP B 315 19.02 1.73 -17.44
N ILE B 316 18.21 1.29 -16.49
CA ILE B 316 18.02 1.91 -15.15
C ILE B 316 17.95 0.74 -14.15
N ALA B 317 19.02 0.49 -13.40
CA ALA B 317 19.03 -0.57 -12.37
C ALA B 317 19.02 0.08 -10.99
N HIS B 318 18.26 -0.46 -10.03
CA HIS B 318 18.35 0.00 -8.61
C HIS B 318 19.75 -0.31 -8.12
N PRO B 319 20.54 0.71 -7.70
CA PRO B 319 21.89 0.48 -7.19
C PRO B 319 21.88 0.12 -5.69
N GLY B 320 21.35 -1.06 -5.36
CA GLY B 320 21.46 -1.65 -4.01
C GLY B 320 22.86 -1.43 -3.47
N GLY B 321 23.86 -1.85 -4.26
CA GLY B 321 25.28 -1.53 -4.04
C GLY B 321 26.04 -1.59 -5.36
N PRO B 322 27.35 -1.31 -5.34
CA PRO B 322 28.20 -1.48 -6.52
C PRO B 322 28.28 -2.95 -6.96
N ALA B 323 28.42 -3.86 -5.98
CA ALA B 323 28.45 -5.33 -6.16
C ALA B 323 27.40 -5.78 -7.16
N ILE B 324 26.12 -5.45 -6.92
CA ILE B 324 24.96 -5.80 -7.80
C ILE B 324 25.27 -5.38 -9.24
N LEU B 325 25.61 -4.10 -9.43
CA LEU B 325 25.87 -3.47 -10.76
C LEU B 325 27.11 -4.11 -11.38
N ASP B 326 28.13 -4.33 -10.57
CA ASP B 326 29.44 -4.91 -11.00
C ASP B 326 29.21 -6.31 -11.60
N GLN B 327 28.49 -7.19 -10.90
CA GLN B 327 28.27 -8.61 -11.29
C GLN B 327 27.24 -8.71 -12.42
N VAL B 328 26.19 -7.87 -12.43
CA VAL B 328 25.18 -7.86 -13.53
C VAL B 328 25.92 -7.60 -14.85
N GLU B 329 26.75 -6.55 -14.88
CA GLU B 329 27.54 -6.08 -16.04
C GLU B 329 28.51 -7.19 -16.48
N ALA B 330 29.22 -7.79 -15.53
CA ALA B 330 30.16 -8.91 -15.77
C ALA B 330 29.44 -10.07 -16.43
N LYS B 331 28.24 -10.44 -15.95
CA LYS B 331 27.50 -11.66 -16.38
C LYS B 331 26.92 -11.48 -17.80
N LEU B 332 26.40 -10.30 -18.13
CA LEU B 332 25.68 -10.10 -19.42
C LEU B 332 26.65 -9.65 -20.51
N GLY B 333 27.89 -9.32 -20.14
CA GLY B 333 28.82 -8.59 -21.02
C GLY B 333 28.15 -7.33 -21.55
N LEU B 334 27.98 -6.33 -20.69
CA LEU B 334 27.46 -4.99 -21.06
C LEU B 334 28.64 -4.04 -21.22
N LYS B 335 28.68 -3.28 -22.32
CA LYS B 335 29.68 -2.20 -22.51
C LYS B 335 29.60 -1.35 -21.25
N PRO B 336 30.71 -0.92 -20.62
CA PRO B 336 30.64 -0.16 -19.37
C PRO B 336 29.78 1.13 -19.38
N GLU B 337 29.33 1.56 -20.57
CA GLU B 337 28.52 2.79 -20.79
C GLU B 337 27.08 2.60 -20.30
N LYS B 338 26.53 1.38 -20.39
CA LYS B 338 25.10 1.09 -20.15
C LYS B 338 24.70 1.52 -18.73
N MET B 339 25.61 1.38 -17.77
CA MET B 339 25.38 1.61 -16.31
C MET B 339 25.93 2.96 -15.82
N GLU B 340 26.25 3.90 -16.72
CA GLU B 340 26.71 5.26 -16.34
C GLU B 340 25.62 5.93 -15.50
N ALA B 341 24.45 6.12 -16.10
CA ALA B 341 23.30 6.84 -15.50
C ALA B 341 23.10 6.31 -14.08
N THR B 342 23.03 4.99 -13.94
CA THR B 342 22.79 4.29 -12.65
C THR B 342 23.92 4.66 -11.68
N ARG B 343 25.18 4.49 -12.08
CA ARG B 343 26.34 4.70 -11.16
C ARG B 343 26.46 6.18 -10.77
N HIS B 344 25.92 7.11 -11.59
CA HIS B 344 25.98 8.57 -11.32
C HIS B 344 25.11 8.92 -10.11
N VAL B 345 23.90 8.36 -10.04
CA VAL B 345 22.94 8.66 -8.94
C VAL B 345 23.51 8.03 -7.65
N LEU B 346 24.06 6.82 -7.76
CA LEU B 346 24.73 6.14 -6.63
C LEU B 346 25.83 7.06 -6.09
N SER B 347 26.78 7.43 -6.94
CA SER B 347 27.92 8.35 -6.63
C SER B 347 27.39 9.61 -5.94
N GLU B 348 26.41 10.28 -6.55
CA GLU B 348 25.98 11.65 -6.13
C GLU B 348 24.95 11.60 -4.99
N TYR B 349 24.27 10.49 -4.71
CA TYR B 349 23.08 10.49 -3.79
C TYR B 349 23.03 9.29 -2.85
N GLY B 350 23.69 8.18 -3.21
CA GLY B 350 23.65 6.90 -2.48
C GLY B 350 22.37 6.09 -2.73
N ASN B 351 22.21 4.97 -2.01
CA ASN B 351 21.02 4.09 -2.11
C ASN B 351 19.83 4.79 -1.44
N MET B 352 18.96 5.42 -2.23
CA MET B 352 17.74 6.14 -1.75
C MET B 352 16.48 5.26 -1.88
N SER B 353 16.62 3.93 -1.86
CA SER B 353 15.51 2.94 -1.87
C SER B 353 14.54 3.25 -3.03
N SER B 354 13.22 3.37 -2.77
CA SER B 354 12.16 3.35 -3.82
C SER B 354 12.38 4.48 -4.83
N ALA B 355 12.91 5.63 -4.40
CA ALA B 355 13.04 6.84 -5.25
C ALA B 355 14.15 6.67 -6.31
N CYS B 356 15.23 5.92 -5.97
N CYS B 356 15.20 5.90 -5.98
CA CYS B 356 16.51 5.84 -6.72
CA CYS B 356 16.49 5.85 -6.72
C CYS B 356 16.27 5.72 -8.23
C CYS B 356 16.27 5.72 -8.23
N VAL B 357 15.50 4.73 -8.68
CA VAL B 357 15.30 4.48 -10.13
C VAL B 357 14.63 5.69 -10.76
N LEU B 358 13.80 6.45 -10.03
CA LEU B 358 13.15 7.67 -10.61
C LEU B 358 14.16 8.82 -10.81
N PHE B 359 15.10 9.00 -9.88
CA PHE B 359 16.27 9.92 -10.03
C PHE B 359 17.06 9.51 -11.28
N ILE B 360 17.23 8.19 -11.51
CA ILE B 360 18.11 7.66 -12.60
C ILE B 360 17.42 7.91 -13.95
N LEU B 361 16.10 7.75 -13.98
CA LEU B 361 15.29 8.00 -15.19
C LEU B 361 15.48 9.47 -15.62
N ASP B 362 15.43 10.37 -14.65
CA ASP B 362 15.59 11.84 -14.85
C ASP B 362 17.01 12.11 -15.36
N GLN B 363 18.01 11.60 -14.63
CA GLN B 363 19.45 11.66 -15.03
C GLN B 363 19.62 11.24 -16.49
N MET B 364 18.93 10.19 -16.93
CA MET B 364 19.11 9.63 -18.29
C MET B 364 18.62 10.64 -19.33
N ARG B 365 17.41 11.20 -19.11
CA ARG B 365 16.77 12.26 -19.94
C ARG B 365 17.65 13.52 -19.90
N LYS B 366 18.24 13.81 -18.74
CA LYS B 366 19.07 15.01 -18.50
C LYS B 366 20.28 14.90 -19.42
N LYS B 367 21.04 13.81 -19.27
CA LYS B 367 22.32 13.54 -20.01
C LYS B 367 22.01 13.41 -21.51
N SER B 368 20.84 12.90 -21.88
CA SER B 368 20.43 12.74 -23.30
C SER B 368 20.34 14.12 -23.94
N ILE B 369 19.77 15.09 -23.21
CA ILE B 369 19.58 16.49 -23.68
C ILE B 369 20.95 17.18 -23.73
N GLU B 370 21.72 17.14 -22.63
CA GLU B 370 23.05 17.81 -22.54
C GLU B 370 23.88 17.47 -23.79
N ASN B 371 23.87 16.20 -24.23
CA ASN B 371 24.77 15.67 -25.29
C ASN B 371 24.02 15.51 -26.61
N GLY B 372 22.88 16.18 -26.79
CA GLY B 372 22.12 16.25 -28.05
C GLY B 372 21.88 14.89 -28.71
N LEU B 373 21.52 13.86 -27.91
CA LEU B 373 21.22 12.48 -28.38
C LEU B 373 19.78 12.43 -28.97
N GLY B 374 19.51 11.43 -29.80
CA GLY B 374 18.30 11.38 -30.63
C GLY B 374 17.02 11.22 -29.81
N THR B 375 17.13 10.63 -28.61
CA THR B 375 15.97 10.22 -27.76
C THR B 375 16.27 10.34 -26.27
N THR B 376 15.23 10.46 -25.45
CA THR B 376 15.28 10.63 -23.97
C THR B 376 15.99 9.45 -23.31
N GLY B 377 16.17 8.35 -24.06
CA GLY B 377 16.89 7.13 -23.61
C GLY B 377 18.22 6.94 -24.33
N GLU B 378 19.16 7.87 -24.13
CA GLU B 378 20.55 7.83 -24.67
C GLU B 378 20.57 7.50 -26.17
N GLY B 379 19.58 7.95 -26.93
CA GLY B 379 19.51 7.72 -28.39
C GLY B 379 18.83 6.41 -28.77
N LEU B 380 18.75 5.46 -27.84
CA LEU B 380 18.14 4.12 -28.06
C LEU B 380 16.62 4.22 -27.92
N ASP B 381 15.88 3.37 -28.65
CA ASP B 381 14.39 3.37 -28.66
C ASP B 381 13.81 2.64 -27.45
N TRP B 382 14.49 1.61 -26.94
CA TRP B 382 13.95 0.61 -25.98
C TRP B 382 14.83 0.57 -24.74
N GLY B 383 14.20 0.46 -23.57
CA GLY B 383 14.90 0.44 -22.27
C GLY B 383 14.27 -0.50 -21.27
N VAL B 384 14.97 -0.73 -20.16
CA VAL B 384 14.49 -1.56 -19.03
C VAL B 384 14.78 -0.81 -17.73
N LEU B 385 13.82 -0.84 -16.81
CA LEU B 385 13.97 -0.38 -15.40
C LEU B 385 13.81 -1.61 -14.49
N PHE B 386 14.77 -1.85 -13.59
CA PHE B 386 14.79 -2.99 -12.64
C PHE B 386 14.73 -2.47 -11.20
N GLY B 387 13.67 -2.84 -10.46
CA GLY B 387 13.60 -2.73 -8.99
C GLY B 387 14.09 -4.00 -8.33
N PHE B 388 14.98 -3.89 -7.33
CA PHE B 388 15.47 -5.01 -6.48
C PHE B 388 15.12 -4.72 -5.01
N GLY B 389 14.58 -5.70 -4.28
CA GLY B 389 14.26 -5.50 -2.86
C GLY B 389 13.88 -6.79 -2.13
N PRO B 390 13.34 -6.67 -0.89
CA PRO B 390 13.09 -7.83 -0.04
C PRO B 390 12.19 -8.84 -0.76
N GLY B 391 12.51 -10.14 -0.69
CA GLY B 391 11.71 -11.21 -1.31
C GLY B 391 12.47 -12.52 -1.45
N LEU B 392 13.49 -12.57 -2.31
CA LEU B 392 14.06 -11.42 -3.00
C LEU B 392 13.25 -11.09 -4.26
N THR B 393 12.65 -9.90 -4.29
CA THR B 393 11.76 -9.40 -5.38
C THR B 393 12.58 -8.66 -6.45
N VAL B 394 12.20 -8.84 -7.72
CA VAL B 394 12.73 -8.09 -8.91
C VAL B 394 11.55 -7.58 -9.75
N GLU B 395 11.39 -6.26 -9.83
CA GLU B 395 10.43 -5.61 -10.77
C GLU B 395 11.14 -5.32 -12.09
N THR B 396 10.45 -5.54 -13.20
CA THR B 396 10.89 -5.24 -14.59
C THR B 396 9.86 -4.27 -15.16
N VAL B 397 10.32 -3.20 -15.80
CA VAL B 397 9.45 -2.22 -16.51
C VAL B 397 10.09 -1.95 -17.88
N VAL B 398 9.42 -2.34 -18.96
CA VAL B 398 9.90 -2.06 -20.34
C VAL B 398 9.48 -0.64 -20.71
N LEU B 399 10.43 0.16 -21.19
CA LEU B 399 10.25 1.57 -21.57
C LEU B 399 10.51 1.75 -23.07
N ARG B 400 9.61 2.52 -23.71
CA ARG B 400 9.82 3.19 -25.00
C ARG B 400 10.29 4.63 -24.70
N SER B 401 11.39 5.08 -25.30
CA SER B 401 11.84 6.49 -25.22
C SER B 401 11.06 7.30 -26.26
N VAL B 402 11.34 8.61 -26.29
CA VAL B 402 10.61 9.61 -27.10
C VAL B 402 11.66 10.33 -27.95
N THR B 403 11.35 10.64 -29.22
CA THR B 403 12.23 11.44 -30.11
C THR B 403 12.45 12.82 -29.46
N LEU B 404 13.70 13.19 -29.21
CA LEU B 404 14.06 14.48 -28.56
C LEU B 404 13.83 15.65 -29.53
#